data_7CQL
#
_entry.id   7CQL
#
_cell.length_a   115.909
_cell.length_b   179.024
_cell.length_c   192.231
_cell.angle_alpha   90.000
_cell.angle_beta   90.000
_cell.angle_gamma   90.000
#
_symmetry.space_group_name_H-M   'I 2 2 2'
#
_entity_poly.entity_id   1
_entity_poly.type   'polypeptide(L)'
_entity_poly.pdbx_seq_one_letter_code
;MGSSHHHHHHSSGLVPRGSHMTDLASIAREKGIEFFLISFTDLLGVQRAKLVPARAIADMAVNGAGFAGFAAWLDMSPAD
ADILAIPDPESLIQLPWKPSVGWLAADVHFEGRPFPKAPRVALKSVLARAAGKDMHLKHGVECEFFLIQPDGSAISDPAD
TQAKPCYDQDALMRRFDVIAEICSYMVDLGWGPYQNDHEDANGQFEMNWDYADALVTADRHAFFKFMVKSVAERHGLRAT
FMPKPFAHLTGNGCHTHLSMWTAAGDNLFEGDGELGLSPTAYAFLGGLIGHAKGLTAVVNPTVNSYKRLNAPVTVSGATW
SPNTITYGGNNRTHMVRIPDAGRLELRLPDGAANPYLMPAAILAAGLDGIETQADPGQRLDIDMYVEGHSVEAEQLPLNL
LDAVRALEADEVLAGGLGAAAAAFAKFKRAEWADYKSQLTEWERRTTLDC
;
_entity_poly.pdbx_strand_id   A,B,C
#
# COMPACT_ATOMS: atom_id res chain seq x y z
N MET A 21 18.02 27.80 12.18
CA MET A 21 17.02 26.80 11.79
C MET A 21 16.52 26.06 13.01
N THR A 22 15.44 26.54 13.63
CA THR A 22 14.89 25.90 14.83
C THR A 22 14.92 24.38 14.61
N ASP A 23 15.83 23.74 15.34
CA ASP A 23 16.26 22.38 15.06
C ASP A 23 15.17 21.34 15.22
N LEU A 24 15.44 20.15 14.68
CA LEU A 24 14.54 19.02 14.82
C LEU A 24 14.23 18.66 16.29
N ALA A 25 15.18 18.86 17.18
CA ALA A 25 14.97 18.56 18.59
C ALA A 25 13.95 19.53 19.15
N SER A 26 14.07 20.78 18.74
CA SER A 26 13.16 21.84 19.16
C SER A 26 11.75 21.52 18.68
N ILE A 27 11.63 21.25 17.39
CA ILE A 27 10.34 20.95 16.80
C ILE A 27 9.67 19.79 17.50
N ALA A 28 10.43 18.71 17.68
CA ALA A 28 9.93 17.53 18.40
C ALA A 28 9.20 17.94 19.67
N ARG A 29 9.77 18.91 20.39
CA ARG A 29 9.14 19.44 21.61
C ARG A 29 7.89 20.26 21.33
N GLU A 30 8.00 21.34 20.56
CA GLU A 30 6.83 22.17 20.29
C GLU A 30 5.68 21.38 19.66
N LYS A 31 6.02 20.41 18.80
CA LYS A 31 5.01 19.70 18.03
C LYS A 31 4.67 18.28 18.50
N GLY A 32 5.40 17.76 19.47
CA GLY A 32 5.05 16.48 20.06
C GLY A 32 5.47 15.26 19.25
N ILE A 33 6.71 15.27 18.77
CA ILE A 33 7.26 14.10 18.11
C ILE A 33 8.08 13.28 19.11
N GLU A 34 7.74 12.01 19.28
CA GLU A 34 8.45 11.15 20.23
C GLU A 34 9.53 10.30 19.55
N PHE A 35 9.38 10.10 18.24
CA PHE A 35 10.34 9.37 17.43
C PHE A 35 10.43 9.93 16.00
N PHE A 36 11.63 9.87 15.44
CA PHE A 36 11.83 10.16 14.02
C PHE A 36 12.19 8.86 13.31
N LEU A 37 11.56 8.61 12.17
CA LEU A 37 11.99 7.58 11.25
C LEU A 37 13.02 8.17 10.31
N ILE A 38 14.30 7.84 10.49
CA ILE A 38 15.31 8.32 9.54
C ILE A 38 15.44 7.35 8.37
N SER A 39 15.23 7.87 7.16
CA SER A 39 14.85 7.06 6.02
C SER A 39 15.69 7.31 4.75
N PHE A 40 16.02 6.24 4.04
CA PHE A 40 16.70 6.40 2.77
C PHE A 40 16.25 5.32 1.79
N THR A 41 16.30 5.63 0.49
CA THR A 41 15.90 4.71 -0.57
C THR A 41 17.09 4.07 -1.26
N ASP A 42 17.01 2.77 -1.43
CA ASP A 42 18.10 2.01 -2.02
C ASP A 42 17.84 1.65 -3.47
N LEU A 43 18.86 1.12 -4.11
CA LEU A 43 18.85 0.83 -5.53
C LEU A 43 17.64 0.04 -6.00
N LEU A 44 16.94 -0.63 -5.10
CA LEU A 44 15.78 -1.37 -5.54
C LEU A 44 14.48 -0.72 -5.10
N GLY A 45 14.60 0.50 -4.60
CA GLY A 45 13.43 1.27 -4.20
C GLY A 45 12.89 0.93 -2.83
N VAL A 46 13.52 0.01 -2.12
CA VAL A 46 13.06 -0.34 -0.79
C VAL A 46 13.35 0.80 0.16
N GLN A 47 12.37 1.13 1.01
CA GLN A 47 12.57 2.11 2.07
C GLN A 47 13.27 1.50 3.29
N ARG A 48 14.52 1.91 3.51
CA ARG A 48 15.24 1.53 4.72
C ARG A 48 15.01 2.65 5.70
N ALA A 49 14.68 2.29 6.94
CA ALA A 49 14.47 3.27 8.00
C ALA A 49 15.05 2.83 9.33
N LYS A 50 15.11 3.76 10.27
CA LYS A 50 15.56 3.48 11.61
C LYS A 50 14.78 4.37 12.54
N LEU A 51 14.14 3.78 13.55
CA LEU A 51 13.36 4.55 14.51
C LEU A 51 14.27 5.06 15.63
N VAL A 52 14.31 6.39 15.83
CA VAL A 52 15.16 6.95 16.89
C VAL A 52 14.31 7.84 17.79
N PRO A 53 14.55 7.78 19.11
CA PRO A 53 13.68 8.59 19.97
C PRO A 53 14.13 10.02 19.89
N ALA A 54 13.23 10.94 20.22
CA ALA A 54 13.51 12.37 20.15
C ALA A 54 14.79 12.72 20.92
N ARG A 55 15.02 12.08 22.06
CA ARG A 55 16.19 12.41 22.86
C ARG A 55 17.50 12.24 22.10
N ALA A 56 17.47 11.47 21.01
CA ALA A 56 18.70 11.20 20.23
C ALA A 56 18.78 11.89 18.85
N ILE A 57 17.85 12.79 18.55
CA ILE A 57 17.77 13.32 17.18
C ILE A 57 18.86 14.34 16.86
N ALA A 58 19.20 15.18 17.84
CA ALA A 58 20.16 16.26 17.62
C ALA A 58 21.48 15.72 17.11
N ASP A 59 21.97 14.63 17.71
CA ASP A 59 23.22 14.05 17.24
C ASP A 59 23.05 13.50 15.83
N MET A 60 22.01 12.67 15.67
CA MET A 60 21.71 12.03 14.38
C MET A 60 21.62 13.04 13.23
N ALA A 61 20.95 14.16 13.47
CA ALA A 61 20.75 15.19 12.43
C ALA A 61 22.05 15.73 11.87
N VAL A 62 23.03 15.92 12.73
CA VAL A 62 24.29 16.53 12.34
C VAL A 62 25.31 15.51 11.82
N ASN A 63 25.40 14.36 12.49
CA ASN A 63 26.43 13.37 12.20
C ASN A 63 25.90 12.19 11.39
N GLY A 64 24.60 12.00 11.44
CA GLY A 64 23.95 11.00 10.62
C GLY A 64 23.57 9.74 11.39
N ALA A 65 22.70 8.93 10.79
CA ALA A 65 22.34 7.63 11.36
C ALA A 65 23.09 6.52 10.62
N GLY A 66 23.66 5.58 11.38
CA GLY A 66 24.53 4.56 10.81
C GLY A 66 23.80 3.29 10.39
N PHE A 67 24.15 2.77 9.21
CA PHE A 67 23.61 1.49 8.74
C PHE A 67 24.71 0.71 8.07
N ALA A 68 24.65 -0.61 8.18
CA ALA A 68 25.52 -1.44 7.36
C ALA A 68 25.01 -1.42 5.91
N GLY A 69 25.72 -0.70 5.06
CA GLY A 69 25.36 -0.60 3.66
C GLY A 69 25.21 -1.94 2.95
N PHE A 70 25.87 -2.98 3.45
CA PHE A 70 25.79 -4.28 2.77
C PHE A 70 24.42 -4.90 3.04
N ALA A 71 23.76 -4.38 4.06
CA ALA A 71 22.49 -4.94 4.52
C ALA A 71 21.30 -4.54 3.63
N ALA A 72 21.48 -3.45 2.88
CA ALA A 72 20.49 -2.95 1.92
C ALA A 72 21.04 -3.01 0.50
N TRP A 73 20.22 -2.60 -0.47
CA TRP A 73 20.63 -2.72 -1.86
C TRP A 73 21.50 -1.54 -2.29
N LEU A 74 22.78 -1.58 -1.90
CA LEU A 74 23.70 -0.50 -2.20
C LEU A 74 25.00 -1.03 -2.79
N ASP A 75 25.01 -2.31 -3.14
CA ASP A 75 26.22 -2.91 -3.70
C ASP A 75 27.47 -2.68 -2.84
N MET A 76 27.37 -2.94 -1.52
CA MET A 76 28.51 -2.74 -0.62
C MET A 76 28.96 -4.04 0.04
N SER A 77 30.04 -3.97 0.81
CA SER A 77 30.63 -5.13 1.50
C SER A 77 30.51 -5.03 3.03
N PRO A 78 30.48 -6.19 3.71
CA PRO A 78 30.37 -6.16 5.18
C PRO A 78 31.61 -5.52 5.81
N ALA A 79 32.73 -5.58 5.09
CA ALA A 79 33.99 -5.03 5.55
C ALA A 79 34.01 -3.51 5.47
N ASP A 80 33.11 -2.95 4.66
CA ASP A 80 33.04 -1.51 4.50
C ASP A 80 32.62 -0.82 5.79
N ALA A 81 33.13 0.38 6.02
CA ALA A 81 32.67 1.18 7.14
C ALA A 81 31.15 1.36 7.04
N ASP A 82 30.52 1.60 8.18
CA ASP A 82 29.10 1.91 8.20
C ASP A 82 28.85 3.22 7.47
N ILE A 83 27.79 3.26 6.67
CA ILE A 83 27.38 4.50 6.02
C ILE A 83 26.63 5.40 7.02
N LEU A 84 26.53 6.70 6.71
CA LEU A 84 25.76 7.63 7.54
C LEU A 84 24.61 8.22 6.72
N ALA A 85 23.41 8.20 7.29
CA ALA A 85 22.27 8.77 6.59
C ALA A 85 21.91 10.10 7.21
N ILE A 86 22.47 11.17 6.65
CA ILE A 86 22.15 12.52 7.10
C ILE A 86 20.78 12.96 6.59
N PRO A 87 19.90 13.30 7.54
CA PRO A 87 18.53 13.71 7.21
C PRO A 87 18.49 15.03 6.43
N ASP A 88 17.36 15.25 5.78
CA ASP A 88 17.06 16.56 5.23
C ASP A 88 15.98 17.10 6.14
N PRO A 89 16.31 18.07 6.98
CA PRO A 89 15.31 18.59 7.92
C PRO A 89 14.13 19.23 7.17
N GLU A 90 14.37 19.57 5.91
CA GLU A 90 13.32 20.13 5.08
C GLU A 90 12.31 19.08 4.68
N SER A 91 12.74 17.82 4.69
CA SER A 91 11.88 16.72 4.30
C SER A 91 10.87 16.36 5.37
N LEU A 92 11.06 16.85 6.59
CA LEU A 92 10.20 16.46 7.71
C LEU A 92 8.70 16.34 7.40
N ILE A 93 8.13 15.18 7.70
CA ILE A 93 6.69 14.97 7.55
C ILE A 93 6.25 14.23 8.77
N GLN A 94 5.44 14.87 9.60
CA GLN A 94 4.93 14.25 10.81
C GLN A 94 3.77 13.32 10.42
N LEU A 95 3.96 12.00 10.48
CA LEU A 95 2.97 11.08 9.90
C LEU A 95 1.54 11.48 10.24
N PRO A 96 0.72 11.77 9.23
CA PRO A 96 -0.65 12.25 9.44
C PRO A 96 -1.55 11.25 10.14
N TRP A 97 -1.13 9.99 10.24
CA TRP A 97 -1.94 8.96 10.91
C TRP A 97 -1.28 8.51 12.23
N LYS A 98 -0.15 9.14 12.55
CA LYS A 98 0.63 8.86 13.76
C LYS A 98 1.63 10.00 13.95
N PRO A 99 1.14 11.18 14.38
CA PRO A 99 1.92 12.41 14.39
C PRO A 99 3.00 12.44 15.47
N SER A 100 3.11 11.39 16.27
CA SER A 100 4.19 11.27 17.25
C SER A 100 5.46 10.82 16.55
N VAL A 101 5.32 10.38 15.31
CA VAL A 101 6.46 9.93 14.51
C VAL A 101 6.71 10.90 13.37
N GLY A 102 7.95 11.37 13.28
CA GLY A 102 8.35 12.22 12.18
C GLY A 102 9.19 11.45 11.18
N TRP A 103 8.84 11.57 9.90
CA TRP A 103 9.59 10.90 8.83
C TRP A 103 10.57 11.89 8.17
N LEU A 104 11.74 11.40 7.80
CA LEU A 104 12.73 12.25 7.17
C LEU A 104 13.41 11.48 6.06
N ALA A 105 13.73 12.18 4.98
CA ALA A 105 14.43 11.55 3.88
C ALA A 105 15.88 11.93 4.02
N ALA A 106 16.78 10.99 3.70
CA ALA A 106 18.19 11.19 3.97
C ALA A 106 19.14 10.81 2.83
N ASP A 107 20.25 11.54 2.76
CA ASP A 107 21.29 11.27 1.79
C ASP A 107 22.23 10.30 2.43
N VAL A 108 22.58 9.23 1.74
CA VAL A 108 23.55 8.26 2.27
C VAL A 108 25.00 8.74 2.12
N HIS A 109 25.63 9.15 3.21
CA HIS A 109 27.05 9.48 3.15
C HIS A 109 27.94 8.26 3.39
N PHE A 110 29.09 8.22 2.74
CA PHE A 110 30.07 7.17 3.01
C PHE A 110 31.51 7.65 2.87
N GLU A 111 32.24 7.62 3.98
CA GLU A 111 33.63 8.03 3.98
C GLU A 111 33.77 9.52 3.73
N GLY A 112 32.99 10.30 4.46
CA GLY A 112 33.07 11.74 4.38
C GLY A 112 31.96 12.31 3.55
N ARG A 113 31.93 11.91 2.27
CA ARG A 113 31.08 12.54 1.24
C ARG A 113 29.89 11.70 0.79
N PRO A 114 28.89 12.34 0.15
CA PRO A 114 27.72 11.70 -0.45
C PRO A 114 28.05 10.45 -1.29
N PHE A 115 27.25 9.39 -1.12
CA PHE A 115 27.52 8.10 -1.72
C PHE A 115 26.85 7.99 -3.08
N PRO A 116 27.67 7.89 -4.13
CA PRO A 116 27.16 7.98 -5.49
C PRO A 116 26.17 6.87 -5.89
N LYS A 117 26.19 5.71 -5.24
CA LYS A 117 25.29 4.65 -5.69
C LYS A 117 23.92 4.75 -5.03
N ALA A 118 23.70 5.77 -4.22
CA ALA A 118 22.43 5.92 -3.50
C ALA A 118 21.47 6.80 -4.28
N PRO A 119 20.34 6.25 -4.66
CA PRO A 119 19.43 6.95 -5.57
C PRO A 119 19.30 8.46 -5.30
N ARG A 120 19.03 8.86 -4.07
CA ARG A 120 18.74 10.28 -3.80
C ARG A 120 19.96 11.18 -4.04
N VAL A 121 21.15 10.59 -3.90
CA VAL A 121 22.39 11.30 -4.14
C VAL A 121 22.70 11.37 -5.65
N ALA A 122 22.19 10.40 -6.42
CA ALA A 122 22.44 10.38 -7.85
C ALA A 122 21.58 11.42 -8.54
N LEU A 123 20.33 11.58 -8.09
CA LEU A 123 19.45 12.57 -8.68
C LEU A 123 19.91 13.98 -8.28
N LYS A 124 20.32 14.13 -7.02
CA LYS A 124 20.79 15.44 -6.57
C LYS A 124 21.97 15.92 -7.45
N SER A 125 22.76 14.95 -7.91
CA SER A 125 23.94 15.16 -8.76
C SER A 125 23.59 15.66 -10.16
N VAL A 126 22.72 14.91 -10.85
CA VAL A 126 22.21 15.37 -12.14
C VAL A 126 21.51 16.72 -11.97
N LEU A 127 20.73 16.86 -10.91
CA LEU A 127 20.00 18.09 -10.63
C LEU A 127 20.93 19.30 -10.59
N ALA A 128 22.17 19.08 -10.19
CA ALA A 128 23.12 20.16 -10.05
C ALA A 128 23.82 20.46 -11.39
N ARG A 129 24.07 19.42 -12.19
CA ARG A 129 24.62 19.61 -13.53
C ARG A 129 23.65 20.54 -14.21
N ALA A 130 22.38 20.15 -14.17
CA ALA A 130 21.29 20.90 -14.78
C ALA A 130 21.14 22.32 -14.22
N ALA A 131 21.16 22.45 -12.90
CA ALA A 131 20.98 23.76 -12.30
C ALA A 131 22.12 24.72 -12.59
N GLY A 132 23.31 24.16 -12.87
CA GLY A 132 24.46 24.95 -13.28
C GLY A 132 24.28 25.58 -14.67
N LYS A 133 23.15 25.28 -15.31
CA LYS A 133 22.87 25.79 -16.63
C LYS A 133 21.56 26.56 -16.62
N ASP A 134 21.08 26.86 -15.42
CA ASP A 134 19.80 27.51 -15.24
C ASP A 134 18.67 26.69 -15.87
N MET A 135 18.80 25.37 -15.78
CA MET A 135 17.73 24.45 -16.12
C MET A 135 17.32 23.67 -14.88
N HIS A 136 16.12 23.97 -14.38
CA HIS A 136 15.62 23.31 -13.18
C HIS A 136 14.48 22.37 -13.53
N LEU A 137 14.77 21.07 -13.46
CA LEU A 137 13.77 20.04 -13.73
C LEU A 137 12.61 20.10 -12.72
N LYS A 138 11.38 20.02 -13.25
CA LYS A 138 10.18 19.89 -12.44
C LYS A 138 9.36 18.71 -12.94
N HIS A 139 8.86 17.86 -12.04
CA HIS A 139 8.02 16.77 -12.49
C HIS A 139 6.79 16.44 -11.65
N GLY A 140 5.94 15.61 -12.23
CA GLY A 140 4.74 15.14 -11.58
C GLY A 140 4.56 13.67 -11.87
N VAL A 141 4.12 12.89 -10.89
CA VAL A 141 3.95 11.45 -11.05
C VAL A 141 2.51 11.02 -10.97
N GLU A 142 2.15 10.04 -11.81
CA GLU A 142 0.84 9.40 -11.74
C GLU A 142 0.96 7.95 -11.24
N CYS A 143 1.00 7.77 -9.92
CA CYS A 143 1.22 6.44 -9.35
C CYS A 143 -0.07 5.66 -9.23
N GLU A 144 -0.35 4.86 -10.26
CA GLU A 144 -1.49 3.98 -10.23
C GLU A 144 -1.11 2.92 -9.22
N PHE A 145 -2.10 2.39 -8.50
CA PHE A 145 -1.88 1.26 -7.61
C PHE A 145 -3.17 0.47 -7.50
N PHE A 146 -3.07 -0.82 -7.21
CA PHE A 146 -4.26 -1.61 -6.86
C PHE A 146 -4.48 -1.62 -5.36
N LEU A 147 -5.75 -1.71 -4.95
CA LEU A 147 -6.09 -2.07 -3.58
C LEU A 147 -6.54 -3.52 -3.56
N ILE A 148 -5.77 -4.34 -2.85
CA ILE A 148 -5.94 -5.80 -2.82
C ILE A 148 -6.18 -6.37 -1.41
N GLN A 149 -6.69 -7.60 -1.36
CA GLN A 149 -6.84 -8.35 -0.11
C GLN A 149 -5.48 -8.49 0.58
N PRO A 150 -5.47 -8.45 1.91
CA PRO A 150 -4.21 -8.64 2.65
C PRO A 150 -3.30 -9.78 2.13
N ASP A 151 -3.83 -10.98 1.89
CA ASP A 151 -2.97 -12.04 1.37
C ASP A 151 -2.63 -11.86 -0.10
N GLY A 152 -3.07 -10.75 -0.70
CA GLY A 152 -2.67 -10.39 -2.05
C GLY A 152 -3.12 -11.33 -3.17
N SER A 153 -4.17 -12.11 -2.94
CA SER A 153 -4.61 -13.09 -3.92
C SER A 153 -5.59 -12.50 -4.93
N ALA A 154 -6.27 -11.44 -4.50
CA ALA A 154 -7.33 -10.83 -5.27
C ALA A 154 -7.42 -9.36 -4.89
N ILE A 155 -8.22 -8.59 -5.62
CA ILE A 155 -8.40 -7.18 -5.32
C ILE A 155 -9.29 -7.07 -4.08
N SER A 156 -9.26 -5.92 -3.42
CA SER A 156 -10.08 -5.72 -2.23
C SER A 156 -11.58 -5.84 -2.50
N ASP A 157 -12.06 -5.29 -3.62
CA ASP A 157 -13.50 -5.19 -3.82
C ASP A 157 -14.03 -6.21 -4.83
N PRO A 158 -14.75 -7.25 -4.34
CA PRO A 158 -15.28 -8.32 -5.20
C PRO A 158 -16.49 -7.89 -6.05
N ALA A 159 -17.06 -6.72 -5.78
CA ALA A 159 -18.18 -6.23 -6.58
C ALA A 159 -17.71 -5.39 -7.77
N ASP A 160 -16.44 -5.00 -7.74
CA ASP A 160 -15.77 -4.32 -8.84
C ASP A 160 -15.38 -5.31 -9.96
N THR A 161 -16.31 -5.56 -10.88
CA THR A 161 -16.15 -6.70 -11.82
C THR A 161 -16.46 -6.44 -13.29
N GLN A 162 -17.04 -5.30 -13.62
CA GLN A 162 -17.40 -5.04 -15.02
C GLN A 162 -16.23 -4.95 -16.01
N ALA A 163 -16.55 -5.13 -17.29
CA ALA A 163 -15.55 -5.12 -18.36
C ALA A 163 -14.78 -3.79 -18.45
N LYS A 164 -15.51 -2.68 -18.45
CA LYS A 164 -14.89 -1.34 -18.49
C LYS A 164 -15.19 -0.58 -17.21
N PRO A 165 -14.35 -0.83 -16.20
CA PRO A 165 -14.46 -0.36 -14.82
C PRO A 165 -14.03 1.08 -14.61
N CYS A 166 -13.24 1.63 -15.53
CA CYS A 166 -12.58 2.91 -15.29
C CYS A 166 -13.56 4.02 -14.90
N TYR A 167 -13.17 4.80 -13.91
CA TYR A 167 -14.04 5.88 -13.43
C TYR A 167 -15.34 5.38 -12.78
N ASP A 168 -15.46 4.08 -12.49
CA ASP A 168 -16.69 3.54 -11.89
C ASP A 168 -17.08 4.22 -10.59
N GLN A 169 -18.14 5.01 -10.62
CA GLN A 169 -18.61 5.72 -9.45
C GLN A 169 -19.07 4.78 -8.34
N ASP A 170 -19.60 3.62 -8.70
CA ASP A 170 -19.94 2.65 -7.67
C ASP A 170 -18.68 2.20 -6.92
N ALA A 171 -17.72 1.59 -7.61
CA ALA A 171 -16.47 1.11 -6.96
C ALA A 171 -15.66 2.21 -6.26
N LEU A 172 -15.58 3.40 -6.87
CA LEU A 172 -14.82 4.48 -6.25
C LEU A 172 -15.38 4.85 -4.89
N MET A 173 -16.70 4.96 -4.74
CA MET A 173 -17.25 5.29 -3.42
C MET A 173 -17.22 4.13 -2.40
N ARG A 174 -17.05 2.91 -2.89
CA ARG A 174 -16.90 1.77 -1.99
C ARG A 174 -15.53 1.82 -1.25
N ARG A 175 -14.64 2.69 -1.72
CA ARG A 175 -13.33 2.85 -1.11
C ARG A 175 -13.12 4.27 -0.67
N PHE A 176 -14.22 5.01 -0.58
CA PHE A 176 -14.14 6.41 -0.18
C PHE A 176 -13.30 6.63 1.09
N ASP A 177 -13.57 5.84 2.12
CA ASP A 177 -12.94 6.06 3.41
C ASP A 177 -11.41 6.12 3.36
N VAL A 178 -10.80 5.10 2.76
CA VAL A 178 -9.34 5.06 2.65
C VAL A 178 -8.82 6.12 1.68
N ILE A 179 -9.48 6.25 0.52
CA ILE A 179 -9.11 7.24 -0.50
C ILE A 179 -9.25 8.66 0.00
N ALA A 180 -10.40 8.98 0.58
CA ALA A 180 -10.61 10.29 1.17
C ALA A 180 -9.62 10.56 2.32
N GLU A 181 -9.16 9.51 2.97
CA GLU A 181 -8.28 9.73 4.11
C GLU A 181 -6.92 10.21 3.62
N ILE A 182 -6.39 9.52 2.63
CA ILE A 182 -5.08 9.83 2.08
C ILE A 182 -5.08 11.16 1.32
N CYS A 183 -6.21 11.49 0.69
CA CYS A 183 -6.29 12.74 -0.04
C CYS A 183 -6.21 13.91 0.92
N SER A 184 -7.02 13.85 1.97
CA SER A 184 -7.03 14.88 2.99
C SER A 184 -5.64 15.09 3.60
N TYR A 185 -4.88 14.00 3.71
CA TYR A 185 -3.52 14.11 4.21
C TYR A 185 -2.72 14.97 3.25
N MET A 186 -2.83 14.68 1.96
CA MET A 186 -2.05 15.44 0.99
C MET A 186 -2.48 16.91 1.01
N VAL A 187 -3.76 17.15 1.29
CA VAL A 187 -4.28 18.50 1.43
C VAL A 187 -3.57 19.24 2.55
N ASP A 188 -3.44 18.59 3.71
CA ASP A 188 -2.81 19.22 4.87
C ASP A 188 -1.31 19.39 4.68
N LEU A 189 -0.72 18.49 3.91
CA LEU A 189 0.72 18.46 3.71
C LEU A 189 1.19 19.53 2.72
N GLY A 190 0.23 20.13 2.01
CA GLY A 190 0.54 21.17 1.04
C GLY A 190 0.88 20.66 -0.33
N TRP A 191 0.49 19.42 -0.63
CA TRP A 191 0.87 18.77 -1.88
C TRP A 191 0.03 19.26 -3.04
N GLY A 192 -1.12 19.85 -2.71
CA GLY A 192 -2.03 20.28 -3.75
C GLY A 192 -2.49 19.09 -4.59
N PRO A 193 -3.24 18.19 -3.95
CA PRO A 193 -3.92 17.15 -4.73
C PRO A 193 -5.12 17.80 -5.39
N TYR A 194 -5.65 17.18 -6.45
CA TYR A 194 -6.75 17.79 -7.16
C TYR A 194 -7.76 16.75 -7.67
N GLN A 195 -7.34 15.49 -7.76
CA GLN A 195 -8.27 14.44 -8.22
C GLN A 195 -7.96 13.01 -7.74
N ASN A 196 -9.01 12.19 -7.67
CA ASN A 196 -8.88 10.78 -7.29
C ASN A 196 -9.72 9.91 -8.20
N ASP A 197 -9.08 9.05 -8.98
CA ASP A 197 -9.80 8.23 -9.95
C ASP A 197 -9.76 6.76 -9.61
N HIS A 198 -10.82 6.04 -9.96
CA HIS A 198 -10.74 4.60 -10.16
C HIS A 198 -10.16 4.47 -11.57
N GLU A 199 -9.02 3.80 -11.72
CA GLU A 199 -8.39 3.58 -13.03
C GLU A 199 -9.03 2.44 -13.83
N ASP A 200 -8.40 1.97 -14.91
CA ASP A 200 -9.17 1.19 -15.88
C ASP A 200 -9.04 -0.32 -15.77
N ALA A 201 -8.49 -0.75 -14.66
CA ALA A 201 -8.57 -2.16 -14.30
C ALA A 201 -9.39 -2.23 -13.02
N ASN A 202 -10.15 -3.31 -12.84
CA ASN A 202 -10.80 -3.52 -11.56
C ASN A 202 -9.82 -3.39 -10.38
N GLY A 203 -10.27 -2.69 -9.34
CA GLY A 203 -9.48 -2.49 -8.14
C GLY A 203 -8.25 -1.61 -8.27
N GLN A 204 -8.26 -0.69 -9.21
CA GLN A 204 -7.09 0.15 -9.42
C GLN A 204 -7.44 1.61 -9.31
N PHE A 205 -6.58 2.36 -8.65
CA PHE A 205 -6.87 3.77 -8.38
C PHE A 205 -5.68 4.65 -8.69
N GLU A 206 -5.89 5.95 -8.54
CA GLU A 206 -4.83 6.90 -8.78
C GLU A 206 -5.19 8.17 -8.06
N MET A 207 -4.23 8.71 -7.32
CA MET A 207 -4.39 10.02 -6.74
C MET A 207 -3.31 10.96 -7.26
N ASN A 208 -3.74 12.04 -7.89
CA ASN A 208 -2.80 12.98 -8.50
C ASN A 208 -2.56 14.19 -7.62
N TRP A 209 -1.39 14.81 -7.75
CA TRP A 209 -1.14 16.08 -7.07
C TRP A 209 -0.18 16.98 -7.85
N ASP A 210 -0.07 18.25 -7.44
CA ASP A 210 0.78 19.23 -8.12
C ASP A 210 2.17 18.71 -8.47
N TYR A 211 2.81 19.38 -9.43
CA TYR A 211 4.15 19.03 -9.86
C TYR A 211 5.04 19.94 -9.04
N ALA A 212 6.34 19.74 -9.10
CA ALA A 212 7.26 20.63 -8.40
C ALA A 212 8.69 20.24 -8.72
N ASP A 213 9.64 20.91 -8.06
CA ASP A 213 11.04 20.54 -8.23
C ASP A 213 11.22 19.03 -8.07
N ALA A 214 11.98 18.46 -9.00
CA ALA A 214 12.26 17.03 -9.00
C ALA A 214 12.53 16.41 -7.62
N LEU A 215 13.33 17.06 -6.80
CA LEU A 215 13.64 16.48 -5.48
C LEU A 215 12.39 16.41 -4.60
N VAL A 216 11.66 17.53 -4.52
CA VAL A 216 10.41 17.57 -3.76
C VAL A 216 9.41 16.51 -4.25
N THR A 217 9.33 16.32 -5.56
CA THR A 217 8.44 15.31 -6.10
C THR A 217 8.95 13.89 -5.76
N ALA A 218 10.24 13.65 -5.92
CA ALA A 218 10.80 12.36 -5.60
C ALA A 218 10.55 11.93 -4.12
N ASP A 219 10.91 12.79 -3.16
CA ASP A 219 10.61 12.53 -1.75
C ASP A 219 9.11 12.21 -1.65
N ARG A 220 8.27 13.09 -2.16
CA ARG A 220 6.82 12.90 -2.07
C ARG A 220 6.38 11.57 -2.65
N HIS A 221 6.93 11.23 -3.81
CA HIS A 221 6.66 9.96 -4.43
C HIS A 221 6.96 8.84 -3.43
N ALA A 222 8.19 8.82 -2.91
CA ALA A 222 8.61 7.82 -1.93
C ALA A 222 7.69 7.74 -0.72
N PHE A 223 7.48 8.88 -0.07
CA PHE A 223 6.57 8.93 1.05
C PHE A 223 5.17 8.47 0.64
N PHE A 224 4.76 8.79 -0.58
CA PHE A 224 3.42 8.41 -1.02
C PHE A 224 3.17 6.89 -0.94
N LYS A 225 4.08 6.10 -1.50
CA LYS A 225 3.90 4.66 -1.52
C LYS A 225 3.81 4.12 -0.09
N PHE A 226 4.52 4.77 0.82
CA PHE A 226 4.47 4.42 2.24
C PHE A 226 3.10 4.78 2.79
N MET A 227 2.72 6.05 2.70
CA MET A 227 1.41 6.47 3.17
C MET A 227 0.29 5.55 2.66
N VAL A 228 0.24 5.29 1.37
CA VAL A 228 -0.83 4.45 0.81
C VAL A 228 -0.83 3.02 1.35
N LYS A 229 0.29 2.31 1.19
CA LYS A 229 0.45 0.97 1.78
C LYS A 229 0.07 0.94 3.27
N SER A 230 0.38 2.02 3.99
CA SER A 230 0.11 2.05 5.42
C SER A 230 -1.35 2.30 5.78
N VAL A 231 -1.96 3.33 5.20
CA VAL A 231 -3.37 3.58 5.46
C VAL A 231 -4.24 2.40 4.96
N ALA A 232 -3.85 1.84 3.82
CA ALA A 232 -4.49 0.63 3.34
C ALA A 232 -4.52 -0.48 4.40
N GLU A 233 -3.37 -0.71 5.07
CA GLU A 233 -3.24 -1.73 6.13
C GLU A 233 -4.13 -1.42 7.33
N ARG A 234 -4.13 -0.17 7.76
CA ARG A 234 -5.01 0.24 8.84
C ARG A 234 -6.46 -0.03 8.51
N HIS A 235 -6.81 -0.11 7.23
CA HIS A 235 -8.20 -0.36 6.85
C HIS A 235 -8.48 -1.84 6.57
N GLY A 236 -7.51 -2.69 6.84
CA GLY A 236 -7.66 -4.12 6.62
C GLY A 236 -7.43 -4.52 5.17
N LEU A 237 -6.73 -3.66 4.45
CA LEU A 237 -6.45 -3.83 3.02
C LEU A 237 -4.98 -3.85 2.78
N ARG A 238 -4.61 -3.82 1.51
CA ARG A 238 -3.22 -3.85 1.09
C ARG A 238 -3.09 -3.13 -0.23
N ALA A 239 -1.98 -2.44 -0.43
CA ALA A 239 -1.78 -1.71 -1.68
C ALA A 239 -0.52 -2.19 -2.37
N THR A 240 -0.63 -2.56 -3.63
CA THR A 240 0.55 -2.94 -4.42
C THR A 240 0.82 -1.95 -5.56
N PHE A 241 2.09 -1.64 -5.79
CA PHE A 241 2.47 -0.80 -6.94
C PHE A 241 3.15 -1.64 -8.02
N MET A 242 3.05 -2.95 -7.88
CA MET A 242 3.63 -3.88 -8.83
C MET A 242 3.14 -3.59 -10.25
N PRO A 243 4.05 -3.73 -11.24
CA PRO A 243 3.66 -3.42 -12.63
C PRO A 243 2.47 -4.26 -13.09
N LYS A 244 2.46 -5.56 -12.82
CA LYS A 244 1.44 -6.44 -13.36
C LYS A 244 1.02 -7.48 -12.31
N PRO A 245 0.29 -7.03 -11.28
CA PRO A 245 -0.10 -7.86 -10.14
C PRO A 245 -1.07 -8.97 -10.49
N PHE A 246 -1.76 -8.91 -11.61
CA PHE A 246 -2.76 -9.93 -11.91
C PHE A 246 -2.75 -10.36 -13.37
N ALA A 247 -2.71 -11.66 -13.60
CA ALA A 247 -2.68 -12.22 -14.94
C ALA A 247 -3.80 -11.69 -15.84
N HIS A 248 -4.96 -11.42 -15.25
CA HIS A 248 -6.14 -11.11 -16.04
C HIS A 248 -6.48 -9.61 -16.15
N LEU A 249 -5.71 -8.75 -15.49
CA LEU A 249 -6.00 -7.31 -15.52
C LEU A 249 -4.81 -6.52 -16.05
N THR A 250 -5.02 -5.22 -16.28
CA THR A 250 -3.93 -4.37 -16.77
C THR A 250 -3.06 -3.88 -15.63
N GLY A 251 -1.97 -3.21 -15.98
CA GLY A 251 -0.95 -2.92 -15.00
C GLY A 251 -0.96 -1.54 -14.41
N ASN A 252 -0.02 -1.30 -13.51
CA ASN A 252 0.22 0.02 -12.95
C ASN A 252 1.31 0.68 -13.74
N GLY A 253 1.13 1.94 -14.08
CA GLY A 253 2.17 2.66 -14.76
C GLY A 253 2.56 3.77 -13.83
N CYS A 254 3.67 4.42 -14.11
CA CYS A 254 4.01 5.64 -13.41
C CYS A 254 4.36 6.72 -14.43
N HIS A 255 3.37 7.11 -15.22
CA HIS A 255 3.58 8.13 -16.24
C HIS A 255 4.05 9.45 -15.60
N THR A 256 4.80 10.24 -16.36
CA THR A 256 5.48 11.41 -15.81
C THR A 256 5.42 12.68 -16.66
N HIS A 257 5.08 13.78 -16.01
CA HIS A 257 5.08 15.10 -16.65
C HIS A 257 6.40 15.83 -16.40
N LEU A 258 6.97 16.40 -17.47
CA LEU A 258 8.27 17.05 -17.37
C LEU A 258 8.23 18.51 -17.81
N SER A 259 8.96 19.38 -17.13
CA SER A 259 9.11 20.76 -17.55
C SER A 259 10.42 21.33 -17.06
N MET A 260 11.10 22.11 -17.88
CA MET A 260 12.41 22.64 -17.51
C MET A 260 12.34 24.14 -17.24
N TRP A 261 12.78 24.57 -16.06
CA TRP A 261 12.64 25.98 -15.70
C TRP A 261 13.97 26.67 -15.40
N THR A 262 14.01 27.99 -15.61
CA THR A 262 15.14 28.80 -15.21
C THR A 262 14.85 29.28 -13.81
N ALA A 263 15.89 29.63 -13.08
CA ALA A 263 15.71 30.20 -11.76
C ALA A 263 14.68 31.35 -11.82
N ALA A 264 14.71 32.13 -12.89
CA ALA A 264 13.79 33.25 -13.03
C ALA A 264 12.33 32.82 -12.91
N GLY A 265 12.01 31.66 -13.49
CA GLY A 265 10.66 31.18 -13.46
C GLY A 265 10.01 31.16 -14.83
N ASP A 266 10.83 31.06 -15.89
CA ASP A 266 10.35 30.89 -17.26
C ASP A 266 10.44 29.42 -17.59
N ASN A 267 9.46 28.91 -18.35
CA ASN A 267 9.49 27.52 -18.74
C ASN A 267 10.24 27.32 -20.07
N LEU A 268 11.44 26.75 -20.01
CA LEU A 268 12.23 26.51 -21.21
C LEU A 268 11.55 25.65 -22.27
N PHE A 269 10.65 24.76 -21.87
CA PHE A 269 9.99 23.90 -22.86
C PHE A 269 8.93 24.64 -23.74
N GLU A 270 8.66 25.90 -23.40
CA GLU A 270 7.53 26.62 -23.98
C GLU A 270 7.99 27.60 -25.04
N GLY A 271 7.63 27.35 -26.29
CA GLY A 271 8.13 28.16 -27.39
C GLY A 271 7.16 28.49 -28.52
N ASP A 272 7.73 28.71 -29.71
CA ASP A 272 6.97 29.17 -30.87
C ASP A 272 6.94 28.15 -32.00
N GLY A 273 7.60 27.00 -31.77
CA GLY A 273 7.59 25.89 -32.69
C GLY A 273 6.24 25.17 -32.66
N GLU A 274 6.19 23.95 -33.19
CA GLU A 274 4.92 23.21 -33.19
C GLU A 274 4.42 22.82 -31.78
N LEU A 275 3.11 22.78 -31.63
CA LEU A 275 2.47 22.45 -30.37
C LEU A 275 2.86 23.36 -29.22
N GLY A 276 3.68 24.38 -29.50
CA GLY A 276 4.06 25.36 -28.50
C GLY A 276 5.35 25.03 -27.78
N LEU A 277 6.17 24.21 -28.44
CA LEU A 277 7.43 23.80 -27.85
C LEU A 277 8.62 24.54 -28.48
N SER A 278 9.66 24.77 -27.69
CA SER A 278 10.85 25.42 -28.20
C SER A 278 11.86 24.41 -28.69
N PRO A 279 12.89 24.88 -29.40
CA PRO A 279 13.99 24.02 -29.86
C PRO A 279 14.52 23.21 -28.69
N THR A 280 14.52 23.82 -27.51
CA THR A 280 15.01 23.16 -26.30
C THR A 280 14.20 21.91 -26.00
N ALA A 281 12.89 22.06 -25.77
CA ALA A 281 12.01 20.91 -25.57
C ALA A 281 12.19 19.82 -26.63
N TYR A 282 12.31 20.20 -27.89
CA TYR A 282 12.42 19.19 -28.94
C TYR A 282 13.75 18.46 -28.87
N ALA A 283 14.72 19.06 -28.20
CA ALA A 283 16.03 18.46 -28.12
C ALA A 283 16.16 17.59 -26.85
N PHE A 284 15.53 18.02 -25.77
CA PHE A 284 15.32 17.17 -24.62
C PHE A 284 14.62 15.91 -25.14
N LEU A 285 13.49 16.11 -25.82
CA LEU A 285 12.70 15.02 -26.38
C LEU A 285 13.57 14.07 -27.19
N GLY A 286 14.47 14.62 -27.99
CA GLY A 286 15.40 13.82 -28.78
C GLY A 286 16.33 12.97 -27.92
N GLY A 287 16.65 13.47 -26.73
CA GLY A 287 17.35 12.67 -25.75
C GLY A 287 16.50 11.50 -25.28
N LEU A 288 15.26 11.78 -24.90
CA LEU A 288 14.34 10.72 -24.52
C LEU A 288 14.26 9.66 -25.61
N ILE A 289 14.10 10.07 -26.86
CA ILE A 289 13.95 9.10 -27.94
C ILE A 289 15.25 8.33 -28.18
N GLY A 290 16.37 9.02 -28.05
CA GLY A 290 17.66 8.46 -28.41
C GLY A 290 18.13 7.46 -27.40
N HIS A 291 17.80 7.70 -26.14
CA HIS A 291 18.23 6.83 -25.10
C HIS A 291 17.09 5.94 -24.62
N ALA A 292 16.06 5.80 -25.45
CA ALA A 292 14.85 5.09 -25.04
C ALA A 292 15.10 3.65 -24.61
N LYS A 293 15.95 2.93 -25.36
CA LYS A 293 16.24 1.53 -25.08
C LYS A 293 16.91 1.35 -23.69
N GLY A 294 18.02 2.02 -23.48
CA GLY A 294 18.68 1.99 -22.19
C GLY A 294 17.81 2.56 -21.08
N LEU A 295 16.98 3.54 -21.38
CA LEU A 295 16.17 4.14 -20.33
C LEU A 295 15.16 3.14 -19.76
N THR A 296 14.79 2.15 -20.56
CA THR A 296 13.78 1.16 -20.16
C THR A 296 14.20 0.25 -19.01
N ALA A 297 15.47 -0.14 -18.96
CA ALA A 297 15.97 -0.88 -17.82
C ALA A 297 15.68 -0.12 -16.52
N VAL A 298 15.93 1.18 -16.49
CA VAL A 298 15.75 1.92 -15.24
C VAL A 298 14.28 2.15 -14.85
N VAL A 299 13.46 2.62 -15.78
CA VAL A 299 12.06 2.97 -15.50
C VAL A 299 11.10 1.77 -15.63
N ASN A 300 11.62 0.61 -16.03
CA ASN A 300 10.90 -0.68 -16.07
C ASN A 300 11.73 -1.81 -15.45
N PRO A 301 12.03 -1.69 -14.15
CA PRO A 301 13.19 -2.37 -13.55
C PRO A 301 13.02 -3.82 -13.12
N THR A 302 11.84 -4.42 -13.26
CA THR A 302 11.62 -5.78 -12.77
C THR A 302 11.23 -6.74 -13.90
N VAL A 303 11.46 -8.04 -13.73
CA VAL A 303 11.06 -9.03 -14.74
C VAL A 303 9.56 -8.95 -15.09
N ASN A 304 8.75 -8.73 -14.06
CA ASN A 304 7.32 -8.53 -14.19
C ASN A 304 6.97 -7.31 -15.06
N SER A 305 7.81 -6.26 -15.03
CA SER A 305 7.60 -5.06 -15.86
C SER A 305 7.32 -5.37 -17.32
N TYR A 306 8.00 -6.39 -17.86
CA TYR A 306 7.96 -6.68 -19.29
C TYR A 306 6.70 -7.41 -19.77
N LYS A 307 5.81 -7.71 -18.84
CA LYS A 307 4.52 -8.22 -19.25
C LYS A 307 3.76 -7.10 -19.97
N ARG A 308 4.05 -5.86 -19.60
CA ARG A 308 3.33 -4.71 -20.13
C ARG A 308 3.80 -4.25 -21.50
N LEU A 309 4.98 -4.68 -21.92
CA LEU A 309 5.46 -4.35 -23.26
C LEU A 309 5.30 -5.51 -24.24
N ASN A 310 4.55 -6.55 -23.85
CA ASN A 310 4.30 -7.66 -24.77
C ASN A 310 2.82 -8.02 -24.89
N ALA A 311 1.98 -7.30 -24.18
CA ALA A 311 0.53 -7.38 -24.39
C ALA A 311 0.15 -7.32 -25.89
N SER A 321 2.08 -5.47 -27.81
CA SER A 321 1.83 -4.57 -28.95
C SER A 321 2.68 -3.28 -28.91
N PRO A 322 2.46 -2.41 -27.89
CA PRO A 322 2.94 -1.03 -27.87
C PRO A 322 4.33 -0.92 -27.27
N ASN A 323 5.35 -1.25 -28.06
CA ASN A 323 6.71 -1.18 -27.59
C ASN A 323 7.62 -0.49 -28.59
N THR A 324 7.09 0.52 -29.26
CA THR A 324 7.83 1.22 -30.28
C THR A 324 8.09 2.65 -29.84
N ILE A 325 9.27 3.14 -30.17
CA ILE A 325 9.72 4.48 -29.78
C ILE A 325 9.16 5.56 -30.71
N THR A 326 8.24 6.37 -30.20
CA THR A 326 7.62 7.45 -30.98
C THR A 326 6.97 8.50 -30.07
N TYR A 327 6.81 9.72 -30.56
CA TYR A 327 5.89 10.68 -29.93
C TYR A 327 4.89 11.02 -31.06
N GLY A 328 3.80 11.73 -30.80
CA GLY A 328 3.53 12.49 -29.60
C GLY A 328 2.26 13.26 -29.93
N GLY A 329 2.14 14.49 -29.44
CA GLY A 329 0.87 15.19 -29.63
C GLY A 329 -0.05 14.77 -28.50
N ASN A 330 -1.22 15.39 -28.39
CA ASN A 330 -2.17 15.02 -27.33
C ASN A 330 -2.77 13.64 -27.62
N ASN A 331 -1.98 12.62 -27.34
CA ASN A 331 -2.20 11.27 -27.83
C ASN A 331 -1.72 10.27 -26.75
N ARG A 332 -2.63 9.50 -26.18
CA ARG A 332 -2.23 8.54 -25.16
C ARG A 332 -1.87 7.22 -25.84
N THR A 333 -0.96 7.30 -26.80
CA THR A 333 -0.71 6.23 -27.75
C THR A 333 0.78 6.07 -28.07
N HIS A 334 1.58 7.06 -27.67
CA HIS A 334 3.02 6.98 -27.93
C HIS A 334 3.86 6.98 -26.67
N MET A 335 5.11 6.53 -26.79
CA MET A 335 6.05 6.54 -25.68
C MET A 335 6.09 7.93 -25.02
N VAL A 336 5.90 8.97 -25.84
CA VAL A 336 5.86 10.33 -25.30
C VAL A 336 4.65 11.06 -25.85
N ARG A 337 4.02 11.84 -24.98
CA ARG A 337 2.82 12.61 -25.29
C ARG A 337 3.08 14.10 -25.03
N ILE A 338 2.80 14.96 -26.02
CA ILE A 338 2.77 16.39 -25.73
C ILE A 338 1.35 16.77 -25.34
N PRO A 339 1.10 16.95 -24.05
CA PRO A 339 -0.26 17.19 -23.58
C PRO A 339 -0.70 18.61 -23.88
N ASP A 340 0.26 19.52 -23.88
CA ASP A 340 0.00 20.95 -23.89
C ASP A 340 1.29 21.69 -24.13
N ALA A 341 1.19 23.00 -24.28
CA ALA A 341 2.39 23.80 -24.46
C ALA A 341 3.30 23.66 -23.24
N GLY A 342 4.59 23.63 -23.47
CA GLY A 342 5.56 23.71 -22.38
C GLY A 342 5.78 22.46 -21.56
N ARG A 343 5.15 21.34 -21.93
CA ARG A 343 5.24 20.14 -21.11
C ARG A 343 5.31 18.84 -21.94
N LEU A 344 6.16 17.90 -21.52
CA LEU A 344 6.20 16.56 -22.12
C LEU A 344 5.75 15.49 -21.13
N GLU A 345 5.01 14.48 -21.60
CA GLU A 345 4.59 13.37 -20.73
C GLU A 345 5.22 12.09 -21.20
N LEU A 346 6.14 11.56 -20.38
CA LEU A 346 6.79 10.29 -20.69
C LEU A 346 5.90 9.15 -20.16
N ARG A 347 5.28 8.41 -21.08
CA ARG A 347 4.40 7.32 -20.69
C ARG A 347 5.11 5.95 -20.73
N LEU A 348 6.27 5.86 -20.10
CA LEU A 348 7.07 4.62 -20.11
C LEU A 348 7.35 3.99 -18.72
N PRO A 349 7.50 4.82 -17.66
CA PRO A 349 7.81 4.22 -16.35
C PRO A 349 6.64 3.43 -15.73
N ASP A 350 6.94 2.32 -15.05
CA ASP A 350 5.89 1.55 -14.37
C ASP A 350 5.90 1.75 -12.85
N GLY A 351 4.96 1.10 -12.16
CA GLY A 351 4.83 1.22 -10.73
C GLY A 351 6.10 0.90 -9.94
N ALA A 352 6.97 0.05 -10.50
CA ALA A 352 8.18 -0.35 -9.79
C ALA A 352 9.34 0.61 -9.93
N ALA A 353 9.17 1.68 -10.71
CA ALA A 353 10.29 2.59 -10.92
C ALA A 353 10.75 3.22 -9.62
N ASN A 354 12.05 3.53 -9.58
CA ASN A 354 12.65 4.12 -8.42
C ASN A 354 12.37 5.62 -8.36
N PRO A 355 11.77 6.09 -7.27
CA PRO A 355 11.40 7.52 -7.21
C PRO A 355 12.54 8.49 -7.43
N TYR A 356 13.77 8.07 -7.20
CA TYR A 356 14.94 8.92 -7.44
C TYR A 356 15.65 8.54 -8.75
N LEU A 357 15.76 7.24 -9.03
CA LEU A 357 16.43 6.75 -10.22
C LEU A 357 15.72 7.10 -11.53
N MET A 358 14.38 7.09 -11.48
CA MET A 358 13.56 7.50 -12.61
C MET A 358 13.93 8.94 -12.96
N PRO A 359 13.52 9.94 -12.14
CA PRO A 359 13.84 11.32 -12.51
C PRO A 359 15.31 11.47 -12.91
N ALA A 360 16.20 10.88 -12.11
CA ALA A 360 17.63 10.98 -12.37
C ALA A 360 18.02 10.53 -13.78
N ALA A 361 17.48 9.41 -14.24
CA ALA A 361 17.88 8.86 -15.53
C ALA A 361 17.27 9.61 -16.73
N ILE A 362 16.03 10.08 -16.55
CA ILE A 362 15.36 10.89 -17.56
C ILE A 362 16.07 12.24 -17.69
N LEU A 363 16.30 12.92 -16.58
CA LEU A 363 17.04 14.18 -16.62
C LEU A 363 18.37 14.01 -17.36
N ALA A 364 19.03 12.87 -17.13
CA ALA A 364 20.29 12.57 -17.79
C ALA A 364 20.07 12.46 -19.29
N ALA A 365 19.19 11.53 -19.68
CA ALA A 365 18.77 11.40 -21.08
C ALA A 365 18.44 12.76 -21.74
N GLY A 366 17.68 13.60 -21.02
CA GLY A 366 17.26 14.89 -21.51
C GLY A 366 18.38 15.89 -21.74
N LEU A 367 19.30 15.99 -20.78
CA LEU A 367 20.40 16.96 -20.89
C LEU A 367 21.31 16.63 -22.06
N ASP A 368 21.46 15.34 -22.32
CA ASP A 368 22.23 14.89 -23.47
C ASP A 368 21.52 15.31 -24.76
N GLY A 369 20.19 15.23 -24.76
CA GLY A 369 19.41 15.67 -25.90
C GLY A 369 19.69 17.14 -26.17
N ILE A 370 19.64 17.94 -25.12
CA ILE A 370 19.92 19.37 -25.20
C ILE A 370 21.35 19.67 -25.65
N GLU A 371 22.33 18.90 -25.20
CA GLU A 371 23.71 19.20 -25.56
C GLU A 371 24.06 18.86 -27.01
N THR A 372 23.42 17.83 -27.56
CA THR A 372 23.70 17.42 -28.94
C THR A 372 22.63 17.92 -29.92
N GLN A 373 21.68 18.70 -29.41
CA GLN A 373 20.64 19.25 -30.26
C GLN A 373 20.02 18.09 -31.02
N ALA A 374 19.70 17.03 -30.29
CA ALA A 374 19.21 15.80 -30.87
C ALA A 374 17.86 15.98 -31.55
N ASP A 375 17.66 15.21 -32.62
CA ASP A 375 16.47 15.30 -33.44
C ASP A 375 15.49 14.18 -33.11
N PRO A 376 14.33 14.54 -32.54
CA PRO A 376 13.34 13.55 -32.12
C PRO A 376 12.69 12.79 -33.28
N GLY A 377 12.92 13.24 -34.52
CA GLY A 377 12.30 12.60 -35.66
C GLY A 377 10.87 13.11 -35.76
N GLN A 378 10.03 12.42 -36.53
CA GLN A 378 8.75 13.02 -36.97
C GLN A 378 7.54 12.68 -36.11
N ARG A 379 6.82 13.70 -35.63
CA ARG A 379 5.66 13.46 -34.80
C ARG A 379 4.57 12.68 -35.54
N LEU A 380 3.85 11.84 -34.79
CA LEU A 380 2.81 10.99 -35.33
C LEU A 380 1.46 11.35 -34.74
N ASP A 381 0.44 11.40 -35.59
CA ASP A 381 -0.90 11.67 -35.11
C ASP A 381 -1.81 10.47 -35.36
N ILE A 382 -1.17 9.38 -35.78
CA ILE A 382 -1.76 8.05 -35.81
C ILE A 382 -2.20 7.64 -34.40
N ASP A 383 -3.09 6.65 -34.32
CA ASP A 383 -3.38 5.91 -33.10
C ASP A 383 -2.66 4.57 -33.21
N MET A 384 -1.53 4.43 -32.52
CA MET A 384 -0.65 3.26 -32.68
C MET A 384 -1.40 1.93 -32.62
N TYR A 385 -2.30 1.77 -31.64
CA TYR A 385 -3.03 0.53 -31.48
C TYR A 385 -3.66 0.01 -32.79
N VAL A 386 -4.09 0.90 -33.66
CA VAL A 386 -4.82 0.48 -34.87
C VAL A 386 -4.00 0.56 -36.16
N GLU A 387 -2.97 1.40 -36.17
CA GLU A 387 -2.15 1.65 -37.36
C GLU A 387 -0.66 1.66 -37.04
N GLY A 388 -0.29 1.25 -35.83
CA GLY A 388 1.10 1.26 -35.39
C GLY A 388 1.92 0.11 -35.94
N HIS A 389 1.25 -0.81 -36.64
CA HIS A 389 1.90 -1.95 -37.29
C HIS A 389 2.64 -1.51 -38.56
N SER A 390 2.07 -0.54 -39.27
CA SER A 390 2.60 -0.08 -40.56
C SER A 390 3.79 0.88 -40.42
N VAL A 391 3.83 1.64 -39.32
CA VAL A 391 4.87 2.62 -39.07
C VAL A 391 6.21 1.98 -38.70
N GLU A 392 7.29 2.45 -39.33
CA GLU A 392 8.63 1.90 -39.07
C GLU A 392 9.28 2.53 -37.83
N ALA A 393 9.30 1.77 -36.74
CA ALA A 393 9.79 2.30 -35.47
C ALA A 393 10.87 1.44 -34.81
N GLU A 394 11.83 2.12 -34.18
CA GLU A 394 12.76 1.44 -33.31
C GLU A 394 11.96 0.81 -32.17
N GLN A 395 12.37 -0.38 -31.74
CA GLN A 395 11.59 -1.12 -30.74
C GLN A 395 12.29 -1.16 -29.37
N LEU A 396 11.50 -1.06 -28.30
CA LEU A 396 12.01 -1.16 -26.90
C LEU A 396 12.44 -2.57 -26.56
N PRO A 397 13.36 -2.71 -25.59
CA PRO A 397 13.72 -4.04 -25.10
C PRO A 397 12.49 -4.81 -24.55
N LEU A 398 12.40 -6.10 -24.83
CA LEU A 398 11.22 -6.89 -24.49
C LEU A 398 11.33 -7.80 -23.25
N ASN A 399 12.49 -7.82 -22.61
CA ASN A 399 12.69 -8.57 -21.36
C ASN A 399 13.79 -7.88 -20.57
N LEU A 400 13.93 -8.25 -19.29
CA LEU A 400 14.89 -7.56 -18.41
C LEU A 400 16.31 -7.64 -18.95
N LEU A 401 16.69 -8.84 -19.38
CA LEU A 401 18.06 -9.09 -19.81
C LEU A 401 18.49 -8.16 -20.95
N ASP A 402 17.68 -8.08 -22.00
CA ASP A 402 17.96 -7.19 -23.13
C ASP A 402 17.96 -5.71 -22.71
N ALA A 403 17.05 -5.38 -21.80
CA ALA A 403 16.93 -4.01 -21.30
C ALA A 403 18.22 -3.62 -20.59
N VAL A 404 18.76 -4.54 -19.82
CA VAL A 404 20.02 -4.28 -19.16
C VAL A 404 21.17 -4.20 -20.16
N ARG A 405 21.22 -5.14 -21.10
CA ARG A 405 22.20 -5.09 -22.18
C ARG A 405 22.21 -3.68 -22.80
N ALA A 406 21.02 -3.15 -23.07
CA ALA A 406 20.85 -1.77 -23.56
C ALA A 406 21.46 -0.71 -22.62
N LEU A 407 21.10 -0.74 -21.34
CA LEU A 407 21.70 0.16 -20.34
C LEU A 407 23.23 0.12 -20.33
N GLU A 408 23.78 -1.07 -20.48
CA GLU A 408 25.23 -1.24 -20.48
C GLU A 408 25.86 -0.68 -21.75
N ALA A 409 25.13 -0.69 -22.86
CA ALA A 409 25.66 -0.09 -24.08
C ALA A 409 25.58 1.44 -24.05
N ASP A 410 24.53 1.96 -23.45
CA ASP A 410 24.28 3.39 -23.49
C ASP A 410 25.18 4.11 -22.52
N GLU A 411 26.43 4.32 -22.92
CA GLU A 411 27.45 4.82 -22.03
C GLU A 411 27.14 6.22 -21.53
N VAL A 412 26.44 6.98 -22.36
CA VAL A 412 26.06 8.34 -22.00
C VAL A 412 25.10 8.32 -20.83
N LEU A 413 24.11 7.42 -20.91
CA LEU A 413 23.15 7.22 -19.84
C LEU A 413 23.88 6.80 -18.60
N ALA A 414 24.53 5.63 -18.67
CA ALA A 414 25.37 5.11 -17.59
C ALA A 414 26.23 6.19 -16.96
N GLY A 415 26.83 7.04 -17.78
CA GLY A 415 27.75 8.06 -17.28
C GLY A 415 27.10 9.16 -16.45
N GLY A 416 25.92 9.61 -16.85
CA GLY A 416 25.23 10.70 -16.19
C GLY A 416 24.40 10.25 -15.01
N LEU A 417 24.55 8.98 -14.63
CA LEU A 417 23.88 8.42 -13.47
C LEU A 417 24.96 7.99 -12.47
N GLY A 418 26.16 7.73 -12.98
CA GLY A 418 27.30 7.41 -12.15
C GLY A 418 27.34 5.96 -11.72
N ALA A 419 28.04 5.69 -10.62
CA ALA A 419 28.20 4.32 -10.14
C ALA A 419 26.85 3.60 -9.94
N ALA A 420 25.78 4.36 -9.73
CA ALA A 420 24.48 3.74 -9.51
C ALA A 420 24.09 2.75 -10.61
N ALA A 421 24.56 2.97 -11.83
CA ALA A 421 24.08 2.18 -12.96
C ALA A 421 24.70 0.79 -13.06
N ALA A 422 25.99 0.69 -12.76
CA ALA A 422 26.68 -0.59 -12.86
C ALA A 422 26.17 -1.51 -11.76
N ALA A 423 25.79 -0.89 -10.64
CA ALA A 423 25.27 -1.58 -9.46
C ALA A 423 23.88 -2.11 -9.78
N PHE A 424 23.06 -1.20 -10.27
CA PHE A 424 21.72 -1.53 -10.69
C PHE A 424 21.78 -2.76 -11.62
N ALA A 425 22.59 -2.64 -12.67
CA ALA A 425 22.74 -3.74 -13.61
C ALA A 425 23.11 -5.04 -12.88
N LYS A 426 24.13 -4.99 -12.03
CA LYS A 426 24.51 -6.18 -11.28
C LYS A 426 23.30 -6.83 -10.60
N PHE A 427 22.63 -6.05 -9.75
CA PHE A 427 21.42 -6.54 -9.09
C PHE A 427 20.42 -7.19 -10.03
N LYS A 428 20.08 -6.51 -11.12
CA LYS A 428 19.01 -7.00 -11.98
C LYS A 428 19.40 -8.24 -12.80
N ARG A 429 20.69 -8.40 -13.11
CA ARG A 429 21.14 -9.60 -13.81
C ARG A 429 20.93 -10.79 -12.90
N ALA A 430 21.05 -10.53 -11.59
CA ALA A 430 20.88 -11.57 -10.59
C ALA A 430 19.41 -11.93 -10.49
N GLU A 431 18.55 -10.92 -10.53
CA GLU A 431 17.13 -11.17 -10.48
C GLU A 431 16.70 -12.02 -11.66
N TRP A 432 17.27 -11.70 -12.82
CA TRP A 432 17.00 -12.45 -14.05
C TRP A 432 17.29 -13.93 -13.83
N ALA A 433 18.50 -14.23 -13.36
CA ALA A 433 18.92 -15.61 -13.24
C ALA A 433 18.07 -16.32 -12.20
N ASP A 434 17.77 -15.62 -11.12
CA ASP A 434 16.93 -16.16 -10.06
C ASP A 434 15.61 -16.58 -10.69
N TYR A 435 14.95 -15.64 -11.36
CA TYR A 435 13.70 -15.92 -12.06
C TYR A 435 13.83 -17.10 -13.02
N LYS A 436 14.92 -17.16 -13.80
CA LYS A 436 15.06 -18.24 -14.76
C LYS A 436 15.28 -19.61 -14.11
N SER A 437 15.78 -19.62 -12.88
CA SER A 437 16.06 -20.89 -12.22
C SER A 437 14.80 -21.55 -11.66
N GLN A 438 13.68 -20.84 -11.71
CA GLN A 438 12.43 -21.35 -11.20
C GLN A 438 11.78 -22.34 -12.15
N LEU A 439 11.24 -23.43 -11.61
CA LEU A 439 10.56 -24.45 -12.39
C LEU A 439 9.09 -24.11 -12.38
N THR A 440 8.58 -23.59 -13.48
CA THR A 440 7.20 -23.12 -13.53
C THR A 440 6.20 -24.18 -13.99
N GLU A 441 4.95 -24.06 -13.55
CA GLU A 441 3.91 -25.00 -13.96
C GLU A 441 3.85 -25.16 -15.48
N TRP A 442 3.99 -24.04 -16.18
CA TRP A 442 3.99 -24.01 -17.64
C TRP A 442 5.06 -24.93 -18.20
N GLU A 443 6.26 -24.91 -17.63
CA GLU A 443 7.34 -25.78 -18.11
C GLU A 443 6.95 -27.24 -18.04
N ARG A 444 6.45 -27.62 -16.86
CA ARG A 444 6.01 -28.98 -16.61
C ARG A 444 4.83 -29.40 -17.51
N ARG A 445 3.85 -28.52 -17.69
CA ARG A 445 2.70 -28.83 -18.54
C ARG A 445 3.08 -28.99 -20.01
N THR A 446 4.09 -28.25 -20.44
CA THR A 446 4.48 -28.24 -21.84
C THR A 446 5.67 -29.15 -22.18
N THR A 447 6.44 -29.60 -21.18
CA THR A 447 7.59 -30.44 -21.49
C THR A 447 7.53 -31.87 -20.94
N LEU A 448 6.65 -32.11 -19.99
CA LEU A 448 6.55 -33.44 -19.38
C LEU A 448 6.38 -34.54 -20.43
N ASP A 449 5.76 -34.20 -21.55
CA ASP A 449 5.46 -35.22 -22.58
C ASP A 449 6.30 -35.17 -23.86
N CYS A 450 7.34 -34.36 -23.88
CA CYS A 450 8.33 -34.42 -24.94
C CYS A 450 9.06 -35.76 -24.88
N MET B 21 19.66 8.85 53.75
CA MET B 21 19.23 8.07 52.58
C MET B 21 18.00 7.24 52.92
N THR B 22 17.44 6.60 51.91
CA THR B 22 16.23 5.81 52.13
C THR B 22 16.37 4.32 51.76
N ASP B 23 15.54 3.52 52.41
CA ASP B 23 15.56 2.07 52.29
C ASP B 23 14.39 1.56 51.48
N LEU B 24 14.44 0.28 51.13
CA LEU B 24 13.43 -0.33 50.28
C LEU B 24 12.01 -0.23 50.83
N ALA B 25 11.86 -0.20 52.14
CA ALA B 25 10.54 -0.20 52.76
C ALA B 25 9.94 1.19 52.70
N SER B 26 10.79 2.19 52.93
CA SER B 26 10.38 3.59 52.85
C SER B 26 10.02 3.90 51.40
N ILE B 27 10.95 3.60 50.50
CA ILE B 27 10.73 3.78 49.08
C ILE B 27 9.43 3.10 48.68
N ALA B 28 9.22 1.87 49.14
CA ALA B 28 8.04 1.12 48.79
C ALA B 28 6.75 1.89 49.10
N ARG B 29 6.74 2.60 50.23
CA ARG B 29 5.58 3.40 50.67
C ARG B 29 5.36 4.67 49.83
N GLU B 30 6.39 5.51 49.74
CA GLU B 30 6.29 6.77 48.99
C GLU B 30 6.14 6.59 47.48
N LYS B 31 6.17 5.34 47.00
CA LYS B 31 6.10 5.08 45.56
C LYS B 31 5.09 4.00 45.17
N GLY B 32 4.29 3.55 46.12
CA GLY B 32 3.23 2.60 45.82
C GLY B 32 3.69 1.24 45.34
N ILE B 33 4.81 0.74 45.86
CA ILE B 33 5.28 -0.61 45.52
C ILE B 33 4.69 -1.64 46.47
N GLU B 34 3.89 -2.54 45.93
CA GLU B 34 3.19 -3.54 46.74
C GLU B 34 3.96 -4.84 46.87
N PHE B 35 4.79 -5.13 45.87
CA PHE B 35 5.58 -6.36 45.83
C PHE B 35 7.00 -6.10 45.33
N PHE B 36 7.92 -6.97 45.74
CA PHE B 36 9.29 -6.94 45.21
C PHE B 36 9.65 -8.28 44.57
N LEU B 37 10.49 -8.20 43.56
CA LEU B 37 10.94 -9.37 42.84
C LEU B 37 12.43 -9.48 43.15
N ILE B 38 12.79 -10.34 44.11
CA ILE B 38 14.19 -10.56 44.44
C ILE B 38 14.72 -11.56 43.45
N SER B 39 15.71 -11.15 42.68
CA SER B 39 16.08 -11.93 41.51
C SER B 39 17.59 -12.18 41.41
N PHE B 40 17.94 -13.32 40.82
CA PHE B 40 19.35 -13.60 40.56
C PHE B 40 19.48 -14.49 39.33
N THR B 41 20.63 -14.44 38.69
CA THR B 41 20.87 -15.15 37.44
C THR B 41 21.74 -16.35 37.75
N ASP B 42 21.29 -17.52 37.34
CA ASP B 42 22.09 -18.71 37.55
C ASP B 42 23.10 -18.93 36.43
N LEU B 43 23.71 -20.10 36.43
CA LEU B 43 24.78 -20.42 35.49
C LEU B 43 24.27 -20.55 34.05
N LEU B 44 22.98 -20.73 33.90
CA LEU B 44 22.42 -20.88 32.57
C LEU B 44 21.73 -19.61 32.09
N GLY B 45 21.88 -18.53 32.85
CA GLY B 45 21.26 -17.27 32.50
C GLY B 45 19.80 -17.19 32.90
N VAL B 46 19.31 -18.24 33.54
CA VAL B 46 17.91 -18.26 33.93
C VAL B 46 17.66 -17.27 35.04
N GLN B 47 16.65 -16.41 34.88
CA GLN B 47 16.25 -15.50 35.95
C GLN B 47 15.45 -16.22 37.03
N ARG B 48 16.05 -16.37 38.20
CA ARG B 48 15.41 -16.98 39.34
C ARG B 48 14.87 -15.86 40.20
N ALA B 49 13.62 -15.97 40.62
CA ALA B 49 13.05 -14.87 41.39
C ALA B 49 12.07 -15.31 42.46
N LYS B 50 11.86 -14.41 43.40
CA LYS B 50 10.93 -14.65 44.47
C LYS B 50 10.11 -13.39 44.61
N LEU B 51 8.80 -13.54 44.76
CA LEU B 51 7.93 -12.39 44.88
C LEU B 51 7.53 -12.11 46.33
N VAL B 52 8.13 -11.09 46.95
CA VAL B 52 7.84 -10.81 48.36
C VAL B 52 6.98 -9.57 48.52
N PRO B 53 6.02 -9.58 49.46
CA PRO B 53 5.22 -8.38 49.70
C PRO B 53 6.08 -7.38 50.42
N ALA B 54 5.67 -6.11 50.42
CA ALA B 54 6.48 -5.05 51.00
C ALA B 54 6.55 -5.16 52.51
N ARG B 55 5.53 -5.74 53.13
CA ARG B 55 5.59 -5.89 54.58
C ARG B 55 6.80 -6.71 55.02
N ALA B 56 7.43 -7.40 54.08
CA ALA B 56 8.56 -8.29 54.40
C ALA B 56 9.91 -7.83 53.83
N ILE B 57 9.90 -6.78 53.03
CA ILE B 57 11.11 -6.36 52.33
C ILE B 57 12.20 -5.95 53.31
N ALA B 58 11.81 -5.29 54.40
CA ALA B 58 12.80 -4.79 55.37
C ALA B 58 13.81 -5.87 55.75
N ASP B 59 13.29 -7.04 56.13
CA ASP B 59 14.10 -8.14 56.62
C ASP B 59 14.89 -8.79 55.49
N MET B 60 14.22 -9.09 54.38
CA MET B 60 14.87 -9.66 53.20
C MET B 60 16.06 -8.83 52.77
N ALA B 61 15.95 -7.51 52.93
CA ALA B 61 16.92 -6.59 52.34
C ALA B 61 18.27 -6.66 53.03
N VAL B 62 18.22 -7.00 54.31
CA VAL B 62 19.39 -7.09 55.17
C VAL B 62 19.95 -8.51 55.23
N ASN B 63 19.06 -9.48 55.44
CA ASN B 63 19.43 -10.88 55.60
C ASN B 63 19.47 -11.67 54.31
N GLY B 64 18.65 -11.23 53.33
CA GLY B 64 18.55 -11.90 52.06
C GLY B 64 17.33 -12.81 51.99
N ALA B 65 17.01 -13.26 50.79
CA ALA B 65 15.92 -14.22 50.63
C ALA B 65 16.49 -15.61 50.46
N GLY B 66 15.79 -16.60 50.99
CA GLY B 66 16.30 -17.95 50.94
C GLY B 66 15.81 -18.76 49.77
N PHE B 67 16.75 -19.33 49.01
CA PHE B 67 16.43 -20.25 47.93
C PHE B 67 17.22 -21.53 48.14
N ALA B 68 16.69 -22.66 47.66
CA ALA B 68 17.49 -23.86 47.56
C ALA B 68 18.32 -23.81 46.26
N GLY B 69 19.60 -23.51 46.41
CA GLY B 69 20.45 -23.34 45.23
C GLY B 69 20.59 -24.58 44.36
N PHE B 70 20.25 -25.74 44.93
CA PHE B 70 20.26 -26.97 44.16
C PHE B 70 19.12 -26.98 43.15
N ALA B 71 18.17 -26.08 43.36
CA ALA B 71 16.99 -26.00 42.50
C ALA B 71 17.26 -25.18 41.25
N ALA B 72 18.33 -24.38 41.30
CA ALA B 72 18.74 -23.56 40.16
C ALA B 72 19.97 -24.18 39.54
N TRP B 73 20.58 -23.52 38.56
CA TRP B 73 21.83 -23.99 37.98
C TRP B 73 22.99 -23.36 38.74
N LEU B 74 23.25 -23.90 39.94
CA LEU B 74 24.31 -23.41 40.83
C LEU B 74 25.28 -24.53 41.24
N ASP B 75 25.07 -25.73 40.73
CA ASP B 75 25.95 -26.86 41.01
C ASP B 75 25.93 -27.20 42.49
N MET B 76 24.75 -27.23 43.10
CA MET B 76 24.64 -27.45 44.54
C MET B 76 23.89 -28.73 44.89
N SER B 77 23.80 -29.02 46.18
CA SER B 77 23.25 -30.27 46.63
C SER B 77 22.00 -30.04 47.47
N PRO B 78 21.04 -30.98 47.41
CA PRO B 78 19.79 -30.81 48.15
C PRO B 78 20.11 -30.71 49.63
N ALA B 79 21.35 -31.09 49.95
CA ALA B 79 21.83 -31.20 51.31
C ALA B 79 22.64 -29.98 51.78
N ASP B 80 22.91 -29.03 50.89
CA ASP B 80 23.56 -27.80 51.32
C ASP B 80 22.52 -26.95 52.05
N ALA B 81 22.96 -25.91 52.75
CA ALA B 81 22.04 -25.04 53.44
C ALA B 81 21.37 -24.18 52.38
N ASP B 82 20.29 -23.51 52.72
CA ASP B 82 19.73 -22.57 51.75
C ASP B 82 20.74 -21.47 51.50
N ILE B 83 20.83 -20.99 50.26
CA ILE B 83 21.64 -19.81 49.97
C ILE B 83 20.77 -18.61 50.33
N LEU B 84 21.41 -17.46 50.57
CA LEU B 84 20.71 -16.20 50.80
C LEU B 84 20.97 -15.22 49.66
N ALA B 85 19.90 -14.82 48.96
CA ALA B 85 20.04 -13.82 47.90
C ALA B 85 19.83 -12.42 48.47
N ILE B 86 20.90 -11.62 48.46
CA ILE B 86 20.84 -10.30 49.03
C ILE B 86 20.70 -9.25 47.94
N PRO B 87 19.61 -8.49 48.01
CA PRO B 87 19.26 -7.44 47.05
C PRO B 87 20.35 -6.38 46.99
N ASP B 88 20.57 -5.80 45.81
CA ASP B 88 21.34 -4.58 45.66
C ASP B 88 20.30 -3.48 45.50
N PRO B 89 20.09 -2.66 46.54
CA PRO B 89 18.98 -1.71 46.49
C PRO B 89 19.22 -0.65 45.42
N GLU B 90 20.44 -0.57 44.93
CA GLU B 90 20.80 0.39 43.89
C GLU B 90 20.25 -0.06 42.54
N SER B 91 19.79 -1.31 42.49
CA SER B 91 19.34 -1.90 41.24
C SER B 91 17.82 -1.81 41.07
N LEU B 92 17.13 -1.36 42.13
CA LEU B 92 15.67 -1.24 42.11
C LEU B 92 15.14 -0.67 40.81
N ILE B 93 14.46 -1.50 40.02
CA ILE B 93 13.72 -1.00 38.87
C ILE B 93 12.25 -1.23 39.15
N GLN B 94 11.47 -0.16 39.17
CA GLN B 94 10.04 -0.28 39.35
C GLN B 94 9.41 -0.61 37.99
N LEU B 95 8.87 -1.82 37.83
CA LEU B 95 8.45 -2.31 36.49
C LEU B 95 7.59 -1.32 35.69
N PRO B 96 8.13 -0.83 34.56
CA PRO B 96 7.43 0.25 33.86
C PRO B 96 6.05 -0.16 33.38
N TRP B 97 5.80 -1.46 33.21
CA TRP B 97 4.47 -1.95 32.81
C TRP B 97 3.60 -2.43 33.97
N LYS B 98 4.16 -2.42 35.17
CA LYS B 98 3.47 -2.91 36.36
C LYS B 98 4.23 -2.38 37.56
N PRO B 99 4.05 -1.08 37.86
CA PRO B 99 4.94 -0.37 38.79
C PRO B 99 4.68 -0.71 40.26
N SER B 100 3.66 -1.52 40.54
CA SER B 100 3.45 -1.93 41.90
C SER B 100 4.46 -3.04 42.25
N VAL B 101 5.19 -3.49 41.24
CA VAL B 101 6.23 -4.48 41.44
C VAL B 101 7.60 -3.86 41.28
N GLY B 102 8.47 -4.10 42.26
CA GLY B 102 9.86 -3.66 42.21
C GLY B 102 10.77 -4.86 41.94
N TRP B 103 11.70 -4.69 41.03
CA TRP B 103 12.62 -5.75 40.67
C TRP B 103 13.95 -5.38 41.28
N LEU B 104 14.76 -6.38 41.58
CA LEU B 104 16.03 -6.20 42.28
C LEU B 104 17.00 -7.32 41.91
N ALA B 105 18.22 -6.95 41.51
CA ALA B 105 19.27 -7.94 41.29
C ALA B 105 19.91 -8.31 42.62
N ALA B 106 20.24 -9.58 42.79
CA ALA B 106 20.80 -9.99 44.05
C ALA B 106 22.10 -10.77 43.89
N ASP B 107 22.97 -10.62 44.89
CA ASP B 107 24.15 -11.44 45.04
C ASP B 107 23.78 -12.71 45.81
N VAL B 108 24.16 -13.85 45.29
CA VAL B 108 23.89 -15.08 46.03
C VAL B 108 24.98 -15.38 47.06
N HIS B 109 24.55 -15.44 48.33
CA HIS B 109 25.43 -15.72 49.46
C HIS B 109 25.21 -17.14 49.98
N PHE B 110 26.31 -17.85 50.18
CA PHE B 110 26.29 -19.19 50.77
C PHE B 110 27.25 -19.34 51.95
N GLU B 111 26.73 -19.89 53.05
CA GLU B 111 27.50 -20.16 54.27
C GLU B 111 28.29 -18.96 54.79
N GLY B 112 27.67 -17.78 54.74
CA GLY B 112 28.23 -16.55 55.27
C GLY B 112 28.96 -15.71 54.24
N ARG B 113 29.21 -16.28 53.07
CA ARG B 113 30.04 -15.59 52.10
C ARG B 113 29.49 -15.58 50.68
N PRO B 114 29.80 -14.53 49.91
CA PRO B 114 29.44 -14.51 48.50
C PRO B 114 29.78 -15.83 47.82
N PHE B 115 28.80 -16.38 47.11
CA PHE B 115 28.94 -17.69 46.49
C PHE B 115 29.57 -17.53 45.09
N PRO B 116 30.80 -18.04 44.93
CA PRO B 116 31.62 -17.83 43.73
C PRO B 116 31.13 -18.52 42.46
N LYS B 117 30.09 -19.35 42.55
CA LYS B 117 29.54 -19.96 41.35
C LYS B 117 28.34 -19.19 40.81
N ALA B 118 27.78 -18.29 41.61
CA ALA B 118 26.71 -17.41 41.13
C ALA B 118 27.37 -16.40 40.21
N PRO B 119 26.84 -16.26 38.98
CA PRO B 119 27.54 -15.45 37.98
C PRO B 119 27.73 -13.98 38.38
N ARG B 120 26.80 -13.36 39.11
CA ARG B 120 26.98 -11.94 39.45
C ARG B 120 28.17 -11.78 40.41
N VAL B 121 28.30 -12.72 41.33
CA VAL B 121 29.41 -12.68 42.28
C VAL B 121 30.70 -12.96 41.52
N ALA B 122 30.65 -13.91 40.61
CA ALA B 122 31.81 -14.20 39.77
C ALA B 122 32.31 -12.93 39.10
N LEU B 123 31.39 -12.07 38.71
CA LEU B 123 31.79 -10.85 38.00
C LEU B 123 32.29 -9.76 38.94
N LYS B 124 31.52 -9.49 39.99
CA LYS B 124 31.92 -8.45 40.94
C LYS B 124 33.36 -8.68 41.41
N SER B 125 33.75 -9.96 41.54
CA SER B 125 35.13 -10.36 41.83
C SER B 125 36.14 -9.89 40.80
N VAL B 126 35.95 -10.29 39.55
CA VAL B 126 36.88 -9.88 38.51
C VAL B 126 36.91 -8.34 38.42
N LEU B 127 35.79 -7.71 38.73
CA LEU B 127 35.74 -6.25 38.64
C LEU B 127 36.59 -5.63 39.72
N ALA B 128 36.45 -6.14 40.94
CA ALA B 128 37.19 -5.65 42.09
C ALA B 128 38.69 -5.76 41.84
N ARG B 129 39.07 -6.86 41.18
CA ARG B 129 40.45 -7.15 40.85
C ARG B 129 41.03 -6.05 39.95
N ALA B 130 40.40 -5.85 38.81
CA ALA B 130 40.79 -4.79 37.89
C ALA B 130 40.70 -3.41 38.57
N ALA B 131 39.64 -3.21 39.35
CA ALA B 131 39.45 -1.96 40.08
C ALA B 131 40.68 -1.63 40.92
N GLY B 132 41.22 -2.66 41.57
CA GLY B 132 42.43 -2.53 42.36
C GLY B 132 43.60 -1.94 41.59
N LYS B 133 43.60 -2.09 40.26
CA LYS B 133 44.67 -1.53 39.44
C LYS B 133 44.26 -0.21 38.77
N ASP B 134 43.21 0.43 39.29
CA ASP B 134 42.68 1.66 38.73
C ASP B 134 42.20 1.46 37.29
N MET B 135 41.59 0.30 37.07
CA MET B 135 40.99 -0.07 35.81
C MET B 135 39.49 -0.30 36.04
N HIS B 136 38.66 0.11 35.11
CA HIS B 136 37.24 -0.06 35.27
C HIS B 136 36.63 -0.43 33.92
N LEU B 137 35.96 -1.57 33.88
CA LEU B 137 35.33 -2.06 32.67
C LEU B 137 34.00 -1.36 32.42
N LYS B 138 33.84 -0.84 31.21
CA LYS B 138 32.55 -0.36 30.74
C LYS B 138 32.17 -1.15 29.50
N HIS B 139 30.91 -1.52 29.38
CA HIS B 139 30.51 -2.25 28.18
C HIS B 139 29.09 -1.92 27.77
N GLY B 140 28.77 -2.20 26.52
CA GLY B 140 27.43 -2.04 25.99
C GLY B 140 27.11 -3.29 25.21
N VAL B 141 25.84 -3.68 25.21
CA VAL B 141 25.44 -4.91 24.53
C VAL B 141 24.51 -4.62 23.37
N GLU B 142 24.68 -5.36 22.28
CA GLU B 142 23.76 -5.26 21.15
C GLU B 142 22.85 -6.49 21.13
N CYS B 143 21.73 -6.39 21.83
CA CYS B 143 20.85 -7.55 22.06
C CYS B 143 19.84 -7.85 20.95
N GLU B 144 20.29 -8.47 19.87
CA GLU B 144 19.39 -8.85 18.81
C GLU B 144 18.35 -9.85 19.30
N PHE B 145 17.11 -9.71 18.83
CA PHE B 145 16.05 -10.66 19.20
C PHE B 145 15.01 -10.81 18.09
N PHE B 146 14.42 -11.99 17.96
CA PHE B 146 13.30 -12.20 17.04
C PHE B 146 11.96 -11.95 17.73
N LEU B 147 10.98 -11.45 16.99
CA LEU B 147 9.61 -11.46 17.48
C LEU B 147 8.87 -12.57 16.76
N ILE B 148 8.27 -13.47 17.53
CA ILE B 148 7.76 -14.72 16.99
C ILE B 148 6.33 -15.01 17.46
N GLN B 149 5.68 -15.97 16.80
CA GLN B 149 4.37 -16.45 17.23
C GLN B 149 4.47 -17.00 18.66
N PRO B 150 3.36 -16.93 19.42
CA PRO B 150 3.43 -17.54 20.76
C PRO B 150 3.83 -19.03 20.79
N ASP B 151 3.40 -19.83 19.82
CA ASP B 151 3.83 -21.23 19.79
C ASP B 151 5.25 -21.42 19.25
N GLY B 152 5.86 -20.34 18.82
CA GLY B 152 7.26 -20.37 18.43
C GLY B 152 7.56 -21.01 17.08
N SER B 153 6.55 -21.20 16.24
CA SER B 153 6.74 -21.88 14.95
C SER B 153 7.23 -20.96 13.80
N ALA B 154 6.99 -19.67 13.96
CA ALA B 154 7.14 -18.73 12.87
C ALA B 154 7.38 -17.38 13.47
N ILE B 155 7.93 -16.45 12.70
CA ILE B 155 8.08 -15.10 13.20
C ILE B 155 6.68 -14.49 13.33
N SER B 156 6.58 -13.36 14.03
CA SER B 156 5.28 -12.75 14.33
C SER B 156 4.53 -12.18 13.11
N ASP B 157 5.28 -11.81 12.07
CA ASP B 157 4.74 -11.01 10.98
C ASP B 157 4.93 -11.72 9.64
N PRO B 158 3.84 -12.29 9.10
CA PRO B 158 3.93 -13.05 7.85
C PRO B 158 4.01 -12.14 6.59
N ALA B 159 4.09 -10.84 6.81
CA ALA B 159 4.31 -9.90 5.73
C ALA B 159 5.81 -9.57 5.57
N ASP B 160 6.58 -9.76 6.64
CA ASP B 160 8.02 -9.55 6.61
C ASP B 160 8.75 -10.72 5.94
N THR B 161 8.93 -10.65 4.62
CA THR B 161 9.28 -11.82 3.81
C THR B 161 10.39 -11.64 2.76
N GLN B 162 10.87 -10.41 2.59
CA GLN B 162 11.90 -10.17 1.57
C GLN B 162 13.31 -10.68 1.90
N ALA B 163 14.11 -10.87 0.86
CA ALA B 163 15.45 -11.43 1.00
C ALA B 163 16.39 -10.58 1.84
N LYS B 164 16.52 -9.30 1.50
CA LYS B 164 17.34 -8.38 2.28
C LYS B 164 16.41 -7.49 3.08
N PRO B 165 15.96 -7.98 4.24
CA PRO B 165 14.91 -7.29 4.97
C PRO B 165 15.45 -6.29 5.98
N CYS B 166 16.77 -6.15 6.08
CA CYS B 166 17.35 -5.33 7.14
C CYS B 166 16.99 -3.87 6.98
N TYR B 167 16.55 -3.24 8.06
CA TYR B 167 16.11 -1.87 8.05
C TYR B 167 14.77 -1.65 7.35
N ASP B 168 14.09 -2.74 7.01
CA ASP B 168 12.79 -2.64 6.36
C ASP B 168 11.91 -1.66 7.11
N GLN B 169 11.70 -0.50 6.53
CA GLN B 169 10.88 0.52 7.15
C GLN B 169 9.44 0.09 7.24
N ASP B 170 9.02 -0.79 6.35
CA ASP B 170 7.66 -1.31 6.41
C ASP B 170 7.45 -2.34 7.57
N ALA B 171 8.27 -3.38 7.65
CA ALA B 171 8.16 -4.33 8.78
C ALA B 171 8.37 -3.71 10.18
N LEU B 172 9.22 -2.68 10.26
CA LEU B 172 9.54 -1.99 11.50
C LEU B 172 8.32 -1.30 12.08
N MET B 173 7.62 -0.56 11.24
CA MET B 173 6.47 0.20 11.70
C MET B 173 5.28 -0.71 11.94
N ARG B 174 5.37 -1.94 11.47
CA ARG B 174 4.32 -2.89 11.75
C ARG B 174 4.42 -3.29 13.24
N ARG B 175 5.64 -3.26 13.77
CA ARG B 175 5.86 -3.56 15.18
C ARG B 175 6.12 -2.33 16.04
N PHE B 176 5.82 -1.15 15.52
CA PHE B 176 6.00 0.09 16.28
C PHE B 176 5.44 0.01 17.71
N ASP B 177 4.23 -0.51 17.85
CA ASP B 177 3.57 -0.43 19.14
C ASP B 177 4.42 -1.06 20.23
N VAL B 178 4.96 -2.25 19.95
CA VAL B 178 5.75 -2.96 20.95
C VAL B 178 7.19 -2.40 21.08
N ILE B 179 7.85 -2.12 19.95
CA ILE B 179 9.19 -1.53 19.94
C ILE B 179 9.22 -0.16 20.59
N ALA B 180 8.20 0.63 20.34
CA ALA B 180 8.14 1.97 20.90
C ALA B 180 7.84 1.96 22.40
N GLU B 181 7.09 0.96 22.85
CA GLU B 181 6.79 0.86 24.27
C GLU B 181 8.07 0.62 25.05
N ILE B 182 8.83 -0.36 24.62
CA ILE B 182 10.04 -0.76 25.31
C ILE B 182 11.10 0.35 25.26
N CYS B 183 11.14 1.06 24.15
CA CYS B 183 12.10 2.14 24.00
C CYS B 183 11.75 3.25 24.97
N SER B 184 10.48 3.59 25.05
CA SER B 184 10.08 4.73 25.85
C SER B 184 10.41 4.47 27.30
N TYR B 185 10.15 3.23 27.73
CA TYR B 185 10.48 2.75 29.07
C TYR B 185 11.95 2.93 29.38
N MET B 186 12.79 2.60 28.40
CA MET B 186 14.23 2.70 28.54
C MET B 186 14.68 4.16 28.65
N VAL B 187 13.94 5.03 27.97
CA VAL B 187 14.12 6.47 28.12
C VAL B 187 13.85 6.89 29.55
N ASP B 188 12.75 6.42 30.12
CA ASP B 188 12.33 6.80 31.48
C ASP B 188 13.33 6.31 32.49
N LEU B 189 13.83 5.08 32.27
CA LEU B 189 14.73 4.42 33.21
C LEU B 189 16.13 4.99 33.15
N GLY B 190 16.35 5.94 32.25
CA GLY B 190 17.63 6.61 32.12
C GLY B 190 18.71 5.83 31.42
N TRP B 191 18.36 4.82 30.64
CA TRP B 191 19.40 4.00 30.04
C TRP B 191 20.02 4.67 28.84
N GLY B 192 19.31 5.65 28.30
CA GLY B 192 19.74 6.32 27.09
C GLY B 192 19.64 5.45 25.86
N PRO B 193 18.40 5.01 25.53
CA PRO B 193 18.33 4.30 24.25
C PRO B 193 18.58 5.35 23.18
N TYR B 194 19.12 4.96 22.03
CA TYR B 194 19.37 5.92 20.96
C TYR B 194 18.89 5.47 19.59
N GLN B 195 18.60 4.19 19.42
CA GLN B 195 18.13 3.67 18.14
C GLN B 195 17.42 2.32 18.26
N ASN B 196 16.49 2.05 17.33
CA ASN B 196 15.79 0.77 17.21
C ASN B 196 15.75 0.34 15.75
N ASP B 197 16.34 -0.82 15.44
CA ASP B 197 16.44 -1.26 14.06
C ASP B 197 15.67 -2.55 13.78
N HIS B 198 15.42 -2.81 12.50
CA HIS B 198 14.99 -4.13 12.07
C HIS B 198 16.26 -4.73 11.48
N GLU B 199 16.64 -5.94 11.91
CA GLU B 199 17.95 -6.52 11.54
C GLU B 199 17.91 -7.52 10.37
N ASP B 200 19.07 -8.12 10.06
CA ASP B 200 19.25 -8.83 8.78
C ASP B 200 18.46 -10.13 8.59
N ALA B 201 17.53 -10.41 9.50
CA ALA B 201 16.62 -11.52 9.25
C ALA B 201 15.16 -11.11 9.47
N ASN B 202 14.29 -11.77 8.73
CA ASN B 202 12.88 -11.58 8.92
C ASN B 202 12.53 -11.81 10.40
N GLY B 203 11.95 -10.78 11.02
CA GLY B 203 11.36 -10.92 12.34
C GLY B 203 12.30 -10.47 13.44
N GLN B 204 13.45 -9.91 13.04
CA GLN B 204 14.51 -9.67 14.01
C GLN B 204 14.78 -8.19 14.20
N PHE B 205 14.89 -7.76 15.45
CA PHE B 205 15.12 -6.36 15.77
C PHE B 205 16.25 -6.17 16.75
N GLU B 206 16.64 -4.91 16.96
CA GLU B 206 17.66 -4.57 17.94
C GLU B 206 17.39 -3.20 18.52
N MET B 207 17.30 -3.09 19.84
CA MET B 207 17.22 -1.78 20.46
C MET B 207 18.52 -1.50 21.20
N ASN B 208 19.03 -0.27 21.09
CA ASN B 208 20.32 0.08 21.67
C ASN B 208 20.24 1.15 22.75
N TRP B 209 21.14 1.07 23.74
CA TRP B 209 21.28 2.11 24.75
C TRP B 209 22.76 2.34 25.12
N ASP B 210 23.01 3.35 25.95
CA ASP B 210 24.38 3.74 26.31
C ASP B 210 25.14 2.70 27.12
N TYR B 211 26.45 2.68 26.91
CA TYR B 211 27.34 1.82 27.69
C TYR B 211 27.44 2.35 29.13
N ALA B 212 27.89 1.49 30.04
CA ALA B 212 28.00 1.90 31.45
C ALA B 212 29.06 1.07 32.16
N ASP B 213 29.23 1.34 33.46
CA ASP B 213 29.99 0.45 34.32
C ASP B 213 29.48 -0.96 34.05
N ALA B 214 30.41 -1.91 33.90
CA ALA B 214 30.07 -3.30 33.60
C ALA B 214 28.96 -3.89 34.49
N LEU B 215 28.99 -3.65 35.79
CA LEU B 215 27.91 -4.19 36.62
C LEU B 215 26.57 -3.54 36.29
N VAL B 216 26.58 -2.24 35.98
CA VAL B 216 25.33 -1.56 35.63
C VAL B 216 24.70 -2.19 34.37
N THR B 217 25.51 -2.29 33.31
CA THR B 217 25.09 -2.87 32.04
C THR B 217 24.59 -4.29 32.18
N ALA B 218 25.36 -5.11 32.89
CA ALA B 218 24.97 -6.49 33.12
C ALA B 218 23.55 -6.56 33.71
N ASP B 219 23.28 -5.79 34.77
CA ASP B 219 21.94 -5.80 35.35
C ASP B 219 20.92 -5.42 34.30
N ARG B 220 21.22 -4.36 33.55
CA ARG B 220 20.30 -3.87 32.54
C ARG B 220 20.06 -4.97 31.53
N HIS B 221 21.15 -5.57 31.06
CA HIS B 221 21.07 -6.65 30.11
C HIS B 221 20.09 -7.71 30.62
N ALA B 222 20.29 -8.16 31.85
CA ALA B 222 19.47 -9.21 32.44
C ALA B 222 18.02 -8.80 32.52
N PHE B 223 17.79 -7.56 32.91
CA PHE B 223 16.44 -7.05 33.04
C PHE B 223 15.79 -6.79 31.66
N PHE B 224 16.59 -6.33 30.70
CA PHE B 224 16.10 -6.08 29.36
C PHE B 224 15.49 -7.34 28.74
N LYS B 225 16.19 -8.47 28.87
CA LYS B 225 15.66 -9.71 28.30
C LYS B 225 14.29 -10.01 28.90
N PHE B 226 14.16 -9.80 30.22
CA PHE B 226 12.88 -9.93 30.91
C PHE B 226 11.79 -8.97 30.38
N MET B 227 12.16 -7.71 30.17
CA MET B 227 11.21 -6.71 29.73
C MET B 227 10.68 -7.01 28.32
N VAL B 228 11.58 -7.31 27.40
CA VAL B 228 11.20 -7.63 26.04
C VAL B 228 10.30 -8.86 25.96
N LYS B 229 10.75 -9.99 26.52
CA LYS B 229 9.90 -11.18 26.54
C LYS B 229 8.52 -10.84 27.11
N SER B 230 8.50 -9.91 28.07
CA SER B 230 7.27 -9.58 28.79
C SER B 230 6.33 -8.64 28.03
N VAL B 231 6.86 -7.57 27.46
CA VAL B 231 5.99 -6.66 26.72
C VAL B 231 5.42 -7.44 25.53
N ALA B 232 6.28 -8.14 24.79
CA ALA B 232 5.82 -9.02 23.73
C ALA B 232 4.56 -9.81 24.11
N GLU B 233 4.56 -10.40 25.30
CA GLU B 233 3.42 -11.23 25.73
C GLU B 233 2.14 -10.41 25.89
N ARG B 234 2.27 -9.18 26.37
CA ARG B 234 1.10 -8.30 26.51
C ARG B 234 0.53 -7.90 25.15
N HIS B 235 1.37 -8.01 24.13
CA HIS B 235 0.95 -7.72 22.77
C HIS B 235 0.64 -9.01 22.00
N GLY B 236 0.34 -10.10 22.70
CA GLY B 236 0.06 -11.37 22.06
C GLY B 236 1.18 -11.91 21.19
N LEU B 237 2.43 -11.60 21.54
CA LEU B 237 3.57 -12.12 20.80
C LEU B 237 4.52 -12.85 21.72
N ARG B 238 5.67 -13.22 21.16
CA ARG B 238 6.73 -13.85 21.94
C ARG B 238 8.11 -13.38 21.46
N ALA B 239 9.02 -13.15 22.40
CA ALA B 239 10.38 -12.76 22.06
C ALA B 239 11.32 -13.93 22.29
N THR B 240 12.35 -14.06 21.46
CA THR B 240 13.40 -15.04 21.72
C THR B 240 14.80 -14.48 21.47
N PHE B 241 15.74 -14.81 22.35
CA PHE B 241 17.12 -14.45 22.13
C PHE B 241 17.92 -15.66 21.65
N MET B 242 17.25 -16.80 21.51
CA MET B 242 17.87 -18.02 21.00
C MET B 242 18.83 -17.73 19.85
N PRO B 243 20.07 -18.28 19.92
CA PRO B 243 21.09 -18.05 18.88
C PRO B 243 20.61 -18.23 17.46
N LYS B 244 19.99 -19.36 17.15
CA LYS B 244 19.60 -19.68 15.78
C LYS B 244 18.23 -20.35 15.81
N PRO B 245 17.18 -19.54 16.01
CA PRO B 245 15.80 -20.02 16.15
C PRO B 245 15.18 -20.60 14.87
N PHE B 246 15.49 -20.06 13.70
CA PHE B 246 14.92 -20.61 12.48
C PHE B 246 15.99 -21.09 11.51
N ALA B 247 15.72 -22.23 10.86
CA ALA B 247 16.67 -22.89 9.97
C ALA B 247 17.02 -22.03 8.78
N HIS B 248 16.03 -21.26 8.36
CA HIS B 248 16.14 -20.56 7.11
C HIS B 248 16.65 -19.13 7.29
N LEU B 249 16.79 -18.68 8.54
CA LEU B 249 17.24 -17.32 8.82
C LEU B 249 18.55 -17.27 9.60
N THR B 250 19.16 -16.08 9.68
CA THR B 250 20.34 -15.92 10.51
C THR B 250 19.97 -15.72 11.96
N GLY B 251 20.98 -15.66 12.81
CA GLY B 251 20.75 -15.69 14.24
C GLY B 251 21.00 -14.43 15.03
N ASN B 252 20.72 -14.53 16.32
CA ASN B 252 21.02 -13.45 17.24
C ASN B 252 22.47 -13.46 17.66
N GLY B 253 23.08 -12.28 17.68
CA GLY B 253 24.38 -12.12 18.27
C GLY B 253 24.17 -11.29 19.50
N CYS B 254 25.20 -11.19 20.33
CA CYS B 254 25.21 -10.23 21.41
C CYS B 254 26.55 -9.57 21.37
N HIS B 255 26.81 -8.85 20.28
CA HIS B 255 28.07 -8.15 20.14
C HIS B 255 28.27 -7.17 21.30
N THR B 256 29.51 -7.06 21.78
CA THR B 256 29.80 -6.26 22.96
C THR B 256 30.83 -5.19 22.67
N HIS B 257 30.60 -4.00 23.22
CA HIS B 257 31.55 -2.90 23.08
C HIS B 257 32.25 -2.66 24.42
N LEU B 258 33.57 -2.41 24.36
CA LEU B 258 34.40 -2.39 25.57
C LEU B 258 35.34 -1.20 25.68
N SER B 259 35.36 -0.58 26.87
CA SER B 259 36.39 0.41 27.18
C SER B 259 36.92 0.23 28.60
N MET B 260 38.10 0.78 28.89
CA MET B 260 38.67 0.74 30.24
C MET B 260 38.89 2.15 30.77
N TRP B 261 38.48 2.38 32.01
CA TRP B 261 38.53 3.73 32.57
C TRP B 261 39.22 3.80 33.93
N THR B 262 40.06 4.81 34.12
CA THR B 262 40.56 5.13 35.46
C THR B 262 39.46 5.82 36.23
N ALA B 263 39.46 5.68 37.55
CA ALA B 263 38.49 6.39 38.36
C ALA B 263 38.50 7.89 38.01
N ALA B 264 39.70 8.46 37.87
CA ALA B 264 39.84 9.85 37.47
C ALA B 264 38.83 10.17 36.39
N GLY B 265 38.78 9.32 35.36
CA GLY B 265 37.83 9.47 34.27
C GLY B 265 38.44 9.40 32.87
N ASP B 266 39.65 8.85 32.76
CA ASP B 266 40.34 8.77 31.48
C ASP B 266 40.17 7.40 30.85
N ASN B 267 40.08 7.36 29.52
CA ASN B 267 39.93 6.09 28.83
C ASN B 267 41.27 5.46 28.47
N LEU B 268 41.59 4.35 29.12
CA LEU B 268 42.89 3.71 28.96
C LEU B 268 43.08 3.14 27.56
N PHE B 269 41.98 2.86 26.87
CA PHE B 269 42.08 2.22 25.55
C PHE B 269 42.45 3.22 24.47
N GLU B 270 42.35 4.49 24.81
CA GLU B 270 42.59 5.57 23.86
C GLU B 270 44.04 6.05 23.89
N GLY B 271 44.70 6.00 22.74
CA GLY B 271 46.11 6.32 22.65
C GLY B 271 46.58 6.80 21.28
N ASP B 272 47.88 6.62 21.03
CA ASP B 272 48.53 7.19 19.85
C ASP B 272 49.04 6.12 18.90
N GLY B 273 49.00 4.87 19.35
CA GLY B 273 49.28 3.74 18.48
C GLY B 273 48.33 3.75 17.29
N GLU B 274 48.29 2.65 16.55
CA GLU B 274 47.40 2.60 15.39
C GLU B 274 45.93 2.69 15.80
N LEU B 275 45.15 3.38 14.98
CA LEU B 275 43.70 3.46 15.14
C LEU B 275 43.24 4.26 16.36
N GLY B 276 44.17 4.81 17.12
CA GLY B 276 43.80 5.63 18.26
C GLY B 276 43.70 4.81 19.53
N LEU B 277 44.16 3.56 19.43
CA LEU B 277 44.29 2.68 20.56
C LEU B 277 45.66 2.85 21.22
N SER B 278 45.70 2.68 22.53
CA SER B 278 46.94 2.78 23.28
C SER B 278 47.61 1.42 23.34
N PRO B 279 48.83 1.36 23.86
CA PRO B 279 49.43 0.05 24.06
C PRO B 279 48.58 -0.83 24.98
N THR B 280 47.91 -0.21 25.94
CA THR B 280 47.08 -0.95 26.89
C THR B 280 45.96 -1.71 26.20
N ALA B 281 45.23 -1.02 25.33
CA ALA B 281 44.13 -1.63 24.61
C ALA B 281 44.66 -2.82 23.82
N TYR B 282 45.79 -2.62 23.16
CA TYR B 282 46.33 -3.65 22.29
C TYR B 282 46.69 -4.91 23.06
N ALA B 283 47.23 -4.75 24.27
CA ALA B 283 47.59 -5.91 25.08
C ALA B 283 46.35 -6.57 25.66
N PHE B 284 45.30 -5.78 25.88
CA PHE B 284 44.01 -6.30 26.29
C PHE B 284 43.49 -7.17 25.15
N LEU B 285 43.62 -6.63 23.93
CA LEU B 285 43.21 -7.32 22.71
C LEU B 285 43.99 -8.63 22.54
N GLY B 286 45.27 -8.60 22.89
CA GLY B 286 46.08 -9.80 22.83
C GLY B 286 45.52 -10.85 23.76
N GLY B 287 44.99 -10.38 24.89
CA GLY B 287 44.34 -11.27 25.84
C GLY B 287 43.16 -11.92 25.17
N LEU B 288 42.38 -11.11 24.47
CA LEU B 288 41.20 -11.59 23.76
C LEU B 288 41.57 -12.65 22.72
N ILE B 289 42.46 -12.29 21.80
CA ILE B 289 42.90 -13.24 20.78
C ILE B 289 43.44 -14.52 21.41
N GLY B 290 44.27 -14.36 22.43
CA GLY B 290 44.92 -15.47 23.11
C GLY B 290 43.99 -16.48 23.77
N HIS B 291 42.92 -16.00 24.38
CA HIS B 291 41.99 -16.88 25.07
C HIS B 291 40.70 -17.13 24.29
N ALA B 292 40.73 -16.76 23.02
CA ALA B 292 39.58 -16.88 22.12
C ALA B 292 38.87 -18.23 22.20
N LYS B 293 39.63 -19.31 22.06
CA LYS B 293 39.06 -20.66 22.07
C LYS B 293 38.29 -20.95 23.37
N GLY B 294 38.93 -20.73 24.51
CA GLY B 294 38.24 -20.90 25.78
C GLY B 294 37.03 -19.96 25.89
N LEU B 295 37.22 -18.71 25.51
CA LEU B 295 36.15 -17.72 25.52
C LEU B 295 34.87 -18.24 24.86
N THR B 296 35.01 -18.88 23.72
CA THR B 296 33.88 -19.35 22.92
C THR B 296 32.84 -20.13 23.72
N ALA B 297 33.28 -21.09 24.51
CA ALA B 297 32.36 -21.88 25.31
C ALA B 297 31.50 -20.98 26.20
N VAL B 298 32.06 -19.88 26.68
CA VAL B 298 31.30 -19.06 27.62
C VAL B 298 30.26 -18.14 26.92
N VAL B 299 30.67 -17.56 25.79
CA VAL B 299 29.83 -16.61 25.10
C VAL B 299 29.04 -17.24 23.94
N ASN B 300 29.30 -18.53 23.66
CA ASN B 300 28.50 -19.36 22.76
C ASN B 300 28.13 -20.67 23.49
N PRO B 301 27.30 -20.56 24.54
CA PRO B 301 27.18 -21.61 25.56
C PRO B 301 26.19 -22.75 25.30
N THR B 302 25.42 -22.71 24.21
CA THR B 302 24.47 -23.78 23.93
C THR B 302 24.85 -24.60 22.70
N VAL B 303 24.37 -25.85 22.63
CA VAL B 303 24.55 -26.64 21.41
C VAL B 303 24.10 -25.86 20.18
N ASN B 304 22.96 -25.19 20.28
CA ASN B 304 22.43 -24.39 19.16
C ASN B 304 23.41 -23.30 18.71
N SER B 305 24.09 -22.70 19.68
CA SER B 305 25.05 -21.61 19.43
C SER B 305 26.04 -21.87 18.30
N TYR B 306 26.20 -23.14 17.91
CA TYR B 306 27.31 -23.51 17.04
C TYR B 306 26.92 -23.61 15.58
N LYS B 307 25.64 -23.39 15.32
CA LYS B 307 25.14 -23.28 13.98
C LYS B 307 25.76 -22.04 13.32
N ARG B 308 25.91 -20.98 14.11
CA ARG B 308 26.39 -19.70 13.59
C ARG B 308 27.88 -19.72 13.29
N LEU B 309 28.57 -20.76 13.76
CA LEU B 309 30.01 -20.89 13.52
C LEU B 309 30.34 -21.84 12.37
N ASN B 310 29.31 -22.46 11.79
CA ASN B 310 29.50 -23.33 10.64
C ASN B 310 28.74 -22.84 9.38
N ALA B 311 27.99 -21.76 9.53
CA ALA B 311 27.35 -21.04 8.40
C ALA B 311 28.12 -21.17 7.08
N SER B 321 31.04 -20.87 8.06
CA SER B 321 32.09 -20.31 7.20
C SER B 321 33.06 -19.37 7.96
N PRO B 322 32.52 -18.32 8.62
CA PRO B 322 33.37 -17.29 9.25
C PRO B 322 33.73 -17.62 10.70
N ASN B 323 34.79 -18.40 10.89
CA ASN B 323 35.12 -18.91 12.22
C ASN B 323 36.60 -18.82 12.60
N THR B 324 37.30 -17.81 12.09
CA THR B 324 38.72 -17.64 12.39
C THR B 324 38.95 -16.52 13.40
N ILE B 325 40.01 -16.66 14.19
CA ILE B 325 40.38 -15.67 15.21
C ILE B 325 41.25 -14.57 14.59
N THR B 326 40.76 -13.33 14.63
CA THR B 326 41.38 -12.18 13.97
C THR B 326 40.75 -10.86 14.41
N TYR B 327 41.56 -9.81 14.54
CA TYR B 327 41.04 -8.45 14.49
C TYR B 327 41.51 -7.95 13.14
N GLY B 328 41.08 -6.78 12.65
CA GLY B 328 40.22 -5.83 13.34
C GLY B 328 40.07 -4.62 12.43
N GLY B 329 40.07 -3.42 12.98
CA GLY B 329 39.84 -2.24 12.16
C GLY B 329 38.35 -2.11 11.90
N ASN B 330 37.87 -0.93 11.54
CA ASN B 330 36.43 -0.70 11.34
C ASN B 330 35.86 -1.60 10.24
N ASN B 331 35.40 -2.77 10.67
CA ASN B 331 35.23 -3.90 9.78
C ASN B 331 34.38 -4.97 10.47
N ARG B 332 33.14 -5.14 10.02
CA ARG B 332 32.26 -6.15 10.61
C ARG B 332 32.53 -7.52 10.00
N THR B 333 33.79 -7.97 10.06
CA THR B 333 34.17 -9.17 9.35
C THR B 333 35.10 -10.07 10.17
N HIS B 334 35.64 -9.50 11.24
CA HIS B 334 36.56 -10.23 12.10
C HIS B 334 35.95 -10.48 13.48
N MET B 335 36.66 -11.23 14.32
CA MET B 335 36.16 -11.52 15.66
C MET B 335 36.19 -10.26 16.53
N VAL B 336 37.14 -9.36 16.25
CA VAL B 336 37.17 -8.07 16.91
C VAL B 336 37.13 -6.92 15.91
N ARG B 337 36.27 -5.95 16.17
CA ARG B 337 36.17 -4.78 15.32
C ARG B 337 36.65 -3.57 16.11
N ILE B 338 37.53 -2.78 15.51
CA ILE B 338 37.92 -1.51 16.11
C ILE B 338 37.10 -0.39 15.50
N PRO B 339 36.03 0.01 16.21
CA PRO B 339 35.02 0.93 15.69
C PRO B 339 35.52 2.36 15.64
N ASP B 340 36.52 2.65 16.47
CA ASP B 340 36.81 4.01 16.84
C ASP B 340 38.06 4.03 17.68
N ALA B 341 38.53 5.22 18.04
CA ALA B 341 39.61 5.29 19.01
C ALA B 341 39.03 5.05 20.40
N GLY B 342 39.74 4.24 21.18
CA GLY B 342 39.37 3.98 22.57
C GLY B 342 38.24 2.97 22.74
N ARG B 343 37.98 2.18 21.71
CA ARG B 343 36.88 1.23 21.78
C ARG B 343 37.18 -0.06 21.02
N LEU B 344 36.85 -1.18 21.65
CA LEU B 344 36.96 -2.49 21.00
C LEU B 344 35.59 -3.16 20.95
N GLU B 345 35.22 -3.69 19.79
CA GLU B 345 33.98 -4.43 19.72
C GLU B 345 34.24 -5.92 19.50
N LEU B 346 33.77 -6.74 20.45
CA LEU B 346 33.88 -8.19 20.35
C LEU B 346 32.63 -8.75 19.71
N ARG B 347 32.81 -9.27 18.50
CA ARG B 347 31.71 -9.77 17.70
C ARG B 347 31.48 -11.27 17.88
N LEU B 348 31.82 -11.78 19.05
CA LEU B 348 31.83 -13.23 19.29
C LEU B 348 30.61 -13.78 20.04
N PRO B 349 30.15 -13.06 21.08
CA PRO B 349 29.04 -13.54 21.91
C PRO B 349 27.69 -13.60 21.20
N ASP B 350 26.92 -14.66 21.43
CA ASP B 350 25.59 -14.70 20.88
C ASP B 350 24.51 -14.45 21.92
N GLY B 351 23.26 -14.72 21.56
CA GLY B 351 22.13 -14.29 22.36
C GLY B 351 21.81 -15.17 23.53
N ALA B 352 22.57 -16.26 23.71
CA ALA B 352 22.42 -17.09 24.89
C ALA B 352 23.44 -16.72 25.96
N ALA B 353 24.39 -15.86 25.59
CA ALA B 353 25.49 -15.56 26.49
C ALA B 353 24.93 -15.01 27.78
N ASN B 354 25.53 -15.42 28.88
CA ASN B 354 25.09 -15.02 30.20
C ASN B 354 25.48 -13.57 30.48
N PRO B 355 24.48 -12.72 30.79
CA PRO B 355 24.68 -11.29 31.06
C PRO B 355 25.84 -10.93 32.04
N TYR B 356 26.20 -11.84 32.96
CA TYR B 356 27.22 -11.56 33.96
C TYR B 356 28.49 -12.39 33.71
N LEU B 357 28.30 -13.63 33.27
CA LEU B 357 29.41 -14.52 32.95
C LEU B 357 30.25 -13.98 31.79
N MET B 358 29.56 -13.40 30.82
CA MET B 358 30.19 -12.93 29.59
C MET B 358 31.21 -11.81 29.82
N PRO B 359 30.82 -10.70 30.47
CA PRO B 359 31.82 -9.67 30.75
C PRO B 359 32.92 -10.20 31.68
N ALA B 360 32.54 -10.97 32.69
CA ALA B 360 33.47 -11.58 33.62
C ALA B 360 34.52 -12.40 32.86
N ALA B 361 34.04 -13.29 32.01
CA ALA B 361 34.93 -14.12 31.21
C ALA B 361 35.87 -13.28 30.34
N ILE B 362 35.31 -12.25 29.70
CA ILE B 362 36.07 -11.34 28.83
C ILE B 362 37.09 -10.51 29.59
N LEU B 363 36.66 -9.93 30.71
CA LEU B 363 37.53 -9.10 31.54
C LEU B 363 38.68 -9.94 32.07
N ALA B 364 38.39 -11.19 32.39
CA ALA B 364 39.45 -12.11 32.79
C ALA B 364 40.43 -12.31 31.62
N ALA B 365 39.93 -12.74 30.48
CA ALA B 365 40.78 -12.97 29.33
C ALA B 365 41.61 -11.73 29.09
N GLY B 366 40.97 -10.57 29.19
CA GLY B 366 41.56 -9.29 28.83
C GLY B 366 42.57 -8.77 29.83
N LEU B 367 42.32 -8.98 31.12
CA LEU B 367 43.26 -8.58 32.16
C LEU B 367 44.54 -9.36 32.01
N ASP B 368 44.40 -10.67 31.86
CA ASP B 368 45.57 -11.52 31.73
C ASP B 368 46.49 -11.03 30.62
N GLY B 369 45.90 -10.44 29.59
CA GLY B 369 46.67 -10.00 28.43
C GLY B 369 47.37 -8.71 28.71
N ILE B 370 46.79 -7.90 29.59
CA ILE B 370 47.42 -6.66 30.01
C ILE B 370 48.66 -6.96 30.82
N GLU B 371 48.54 -7.88 31.77
CA GLU B 371 49.66 -8.30 32.60
C GLU B 371 50.79 -8.93 31.80
N THR B 372 50.45 -9.91 30.96
CA THR B 372 51.45 -10.61 30.17
C THR B 372 51.88 -9.79 28.95
N GLN B 373 51.41 -8.54 28.90
CA GLN B 373 51.74 -7.64 27.81
C GLN B 373 51.54 -8.29 26.43
N ALA B 374 50.44 -9.04 26.30
CA ALA B 374 50.21 -9.90 25.14
C ALA B 374 50.15 -9.17 23.79
N ASP B 375 50.63 -9.86 22.76
CA ASP B 375 50.69 -9.34 21.39
C ASP B 375 49.53 -9.89 20.55
N PRO B 376 48.72 -9.00 19.96
CA PRO B 376 47.55 -9.52 19.23
C PRO B 376 47.93 -10.05 17.86
N GLY B 377 48.90 -9.41 17.21
CA GLY B 377 49.29 -9.79 15.86
C GLY B 377 48.94 -8.70 14.86
N GLN B 378 48.97 -9.06 13.59
CA GLN B 378 48.73 -8.10 12.53
C GLN B 378 47.24 -7.86 12.35
N ARG B 379 46.86 -6.59 12.30
CA ARG B 379 45.48 -6.25 12.01
C ARG B 379 45.23 -6.58 10.56
N LEU B 380 44.04 -7.06 10.25
CA LEU B 380 43.67 -7.37 8.89
C LEU B 380 42.57 -6.42 8.46
N ASP B 381 42.74 -5.80 7.30
CA ASP B 381 41.73 -4.88 6.78
C ASP B 381 40.89 -5.59 5.73
N ILE B 382 41.41 -6.69 5.21
CA ILE B 382 40.73 -7.45 4.19
C ILE B 382 39.31 -7.84 4.60
N ASP B 383 38.59 -8.46 3.69
CA ASP B 383 37.26 -8.97 3.97
C ASP B 383 37.33 -10.48 4.04
N MET B 384 36.89 -11.04 5.15
CA MET B 384 37.00 -12.46 5.37
C MET B 384 35.96 -13.22 4.56
N TYR B 385 34.78 -12.65 4.42
CA TYR B 385 33.73 -13.35 3.68
C TYR B 385 34.08 -13.61 2.21
N VAL B 386 35.17 -12.99 1.74
CA VAL B 386 35.64 -13.16 0.35
C VAL B 386 37.09 -13.64 0.29
N GLU B 387 37.90 -13.21 1.26
CA GLU B 387 39.35 -13.36 1.20
C GLU B 387 39.95 -13.97 2.46
N GLY B 388 39.11 -14.56 3.30
CA GLY B 388 39.56 -15.12 4.57
C GLY B 388 40.08 -16.54 4.48
N HIS B 389 39.79 -17.20 3.35
CA HIS B 389 40.24 -18.56 3.08
C HIS B 389 41.75 -18.66 2.91
N SER B 390 42.35 -17.60 2.37
CA SER B 390 43.80 -17.58 2.12
C SER B 390 44.60 -17.00 3.30
N VAL B 391 43.88 -16.45 4.28
CA VAL B 391 44.50 -16.00 5.53
C VAL B 391 44.83 -17.18 6.44
N GLU B 392 46.07 -17.21 6.93
CA GLU B 392 46.50 -18.23 7.87
C GLU B 392 46.19 -17.79 9.30
N ALA B 393 45.18 -18.43 9.91
CA ALA B 393 44.71 -18.05 11.24
C ALA B 393 44.15 -19.22 12.04
N GLU B 394 44.18 -19.06 13.36
CA GLU B 394 43.71 -20.11 14.27
C GLU B 394 42.20 -20.22 14.24
N GLN B 395 41.68 -21.41 14.51
CA GLN B 395 40.25 -21.65 14.36
C GLN B 395 39.54 -21.91 15.71
N LEU B 396 38.38 -21.27 15.89
CA LEU B 396 37.56 -21.46 17.08
C LEU B 396 36.98 -22.87 17.14
N PRO B 397 36.55 -23.31 18.33
CA PRO B 397 35.93 -24.63 18.38
C PRO B 397 34.58 -24.64 17.63
N LEU B 398 34.24 -25.72 16.95
CA LEU B 398 33.05 -25.76 16.08
C LEU B 398 31.83 -26.50 16.65
N ASN B 399 31.97 -27.14 17.81
CA ASN B 399 30.81 -27.73 18.51
C ASN B 399 30.94 -27.44 20.00
N LEU B 400 29.96 -27.82 20.82
CA LEU B 400 30.01 -27.56 22.26
C LEU B 400 31.10 -28.35 23.01
N LEU B 401 31.23 -29.63 22.67
CA LEU B 401 32.16 -30.51 23.36
C LEU B 401 33.58 -29.97 23.21
N ASP B 402 33.93 -29.57 22.00
CA ASP B 402 35.29 -29.08 21.74
C ASP B 402 35.54 -27.75 22.45
N ALA B 403 34.47 -26.98 22.59
CA ALA B 403 34.55 -25.63 23.16
C ALA B 403 34.74 -25.73 24.65
N VAL B 404 34.00 -26.65 25.26
CA VAL B 404 34.16 -26.89 26.68
C VAL B 404 35.58 -27.41 26.95
N ARG B 405 36.04 -28.35 26.12
CA ARG B 405 37.40 -28.86 26.20
C ARG B 405 38.40 -27.73 26.25
N ALA B 406 38.12 -26.68 25.50
CA ALA B 406 39.03 -25.54 25.38
C ALA B 406 39.09 -24.72 26.67
N LEU B 407 37.92 -24.45 27.23
CA LEU B 407 37.79 -23.71 28.50
C LEU B 407 38.59 -24.44 29.56
N GLU B 408 38.36 -25.74 29.64
CA GLU B 408 39.09 -26.64 30.50
C GLU B 408 40.62 -26.60 30.29
N ALA B 409 41.06 -26.56 29.03
CA ALA B 409 42.50 -26.48 28.74
C ALA B 409 43.08 -25.10 29.05
N ASP B 410 42.22 -24.08 29.08
CA ASP B 410 42.69 -22.74 29.36
C ASP B 410 42.69 -22.45 30.86
N GLU B 411 43.67 -23.02 31.55
CA GLU B 411 43.79 -22.89 33.01
C GLU B 411 43.75 -21.42 33.48
N VAL B 412 44.44 -20.54 32.77
CA VAL B 412 44.45 -19.15 33.15
C VAL B 412 43.05 -18.51 33.18
N LEU B 413 42.26 -18.73 32.12
CA LEU B 413 40.88 -18.23 32.00
C LEU B 413 39.95 -18.92 33.00
N ALA B 414 39.94 -20.25 32.99
CA ALA B 414 39.21 -21.01 34.00
C ALA B 414 39.50 -20.43 35.37
N GLY B 415 40.75 -20.03 35.57
CA GLY B 415 41.18 -19.44 36.81
C GLY B 415 40.53 -18.11 37.13
N GLY B 416 40.56 -17.17 36.19
CA GLY B 416 39.95 -15.86 36.36
C GLY B 416 38.44 -15.86 36.60
N LEU B 417 37.78 -16.93 36.19
CA LEU B 417 36.34 -17.06 36.41
C LEU B 417 36.00 -17.72 37.74
N GLY B 418 36.96 -18.47 38.27
CA GLY B 418 36.80 -19.08 39.58
C GLY B 418 36.02 -20.36 39.51
N ALA B 419 35.30 -20.65 40.59
CA ALA B 419 34.59 -21.92 40.67
C ALA B 419 33.49 -21.98 39.63
N ALA B 420 33.05 -20.82 39.15
CA ALA B 420 31.94 -20.81 38.20
C ALA B 420 32.29 -21.61 36.93
N ALA B 421 33.53 -21.52 36.47
CA ALA B 421 33.95 -22.23 35.26
C ALA B 421 33.71 -23.73 35.32
N ALA B 422 34.27 -24.39 36.32
CA ALA B 422 34.16 -25.85 36.38
C ALA B 422 32.69 -26.33 36.42
N ALA B 423 31.84 -25.47 36.99
CA ALA B 423 30.42 -25.77 37.14
C ALA B 423 29.68 -25.62 35.79
N PHE B 424 29.90 -24.48 35.16
CA PHE B 424 29.51 -24.29 33.77
C PHE B 424 29.93 -25.50 32.92
N ALA B 425 31.22 -25.86 32.97
CA ALA B 425 31.74 -26.90 32.09
C ALA B 425 30.98 -28.18 32.34
N LYS B 426 30.55 -28.35 33.58
CA LYS B 426 29.91 -29.58 33.99
C LYS B 426 28.51 -29.65 33.39
N PHE B 427 27.75 -28.59 33.59
CA PHE B 427 26.43 -28.51 32.97
C PHE B 427 26.46 -28.73 31.44
N LYS B 428 27.32 -28.00 30.75
CA LYS B 428 27.37 -28.08 29.29
C LYS B 428 27.74 -29.47 28.76
N ARG B 429 28.66 -30.16 29.45
CA ARG B 429 28.98 -31.55 29.07
C ARG B 429 27.70 -32.41 29.13
N ALA B 430 26.84 -32.07 30.09
CA ALA B 430 25.59 -32.80 30.30
C ALA B 430 24.58 -32.48 29.21
N GLU B 431 24.54 -31.21 28.83
CA GLU B 431 23.67 -30.73 27.78
C GLU B 431 24.08 -31.44 26.53
N TRP B 432 25.38 -31.46 26.27
CA TRP B 432 25.89 -32.10 25.07
C TRP B 432 25.38 -33.54 24.96
N ALA B 433 25.44 -34.28 26.06
CA ALA B 433 25.09 -35.69 26.02
C ALA B 433 23.61 -35.86 25.77
N ASP B 434 22.81 -35.09 26.51
CA ASP B 434 21.36 -35.00 26.31
C ASP B 434 21.04 -34.81 24.83
N TYR B 435 21.59 -33.74 24.27
CA TYR B 435 21.48 -33.50 22.84
C TYR B 435 21.89 -34.75 22.06
N LYS B 436 23.09 -35.28 22.27
CA LYS B 436 23.55 -36.33 21.36
C LYS B 436 22.66 -37.58 21.41
N SER B 437 21.84 -37.67 22.47
CA SER B 437 21.03 -38.86 22.74
C SER B 437 19.62 -38.84 22.12
N GLN B 438 19.21 -37.69 21.61
CA GLN B 438 17.96 -37.57 20.85
C GLN B 438 18.05 -38.24 19.46
N LEU B 439 17.06 -39.09 19.14
CA LEU B 439 16.96 -39.72 17.82
C LEU B 439 16.35 -38.74 16.81
N THR B 440 17.19 -38.09 16.01
CA THR B 440 16.74 -37.09 15.05
C THR B 440 16.23 -37.73 13.76
N GLU B 441 15.23 -37.09 13.14
CA GLU B 441 14.70 -37.54 11.85
C GLU B 441 15.79 -37.65 10.75
N TRP B 442 16.83 -36.82 10.84
CA TRP B 442 17.96 -36.95 9.93
C TRP B 442 18.67 -38.31 10.04
N GLU B 443 18.80 -38.79 11.28
CA GLU B 443 19.42 -40.10 11.49
C GLU B 443 18.64 -41.19 10.80
N ARG B 444 17.32 -41.15 11.00
CA ARG B 444 16.44 -42.16 10.46
C ARG B 444 16.40 -42.10 8.93
N ARG B 445 16.38 -40.91 8.35
CA ARG B 445 16.30 -40.76 6.89
C ARG B 445 17.58 -41.21 6.22
N THR B 446 18.69 -40.88 6.84
CA THR B 446 19.99 -41.18 6.28
C THR B 446 20.47 -42.61 6.60
N THR B 447 19.92 -43.21 7.67
CA THR B 447 20.41 -44.52 8.11
C THR B 447 19.45 -45.72 8.04
N LEU B 448 18.15 -45.49 8.01
CA LEU B 448 17.21 -46.60 7.94
C LEU B 448 17.64 -47.66 6.94
N ASP B 449 18.34 -47.23 5.89
CA ASP B 449 18.63 -48.09 4.74
C ASP B 449 20.06 -48.58 4.55
N CYS B 450 20.81 -48.67 5.65
CA CYS B 450 22.21 -49.00 5.59
C CYS B 450 22.50 -50.50 5.32
N MET C 21 -24.63 33.01 -9.41
CA MET C 21 -24.75 32.72 -7.98
C MET C 21 -23.38 32.49 -7.36
N THR C 22 -23.36 32.23 -6.05
CA THR C 22 -22.13 31.88 -5.34
C THR C 22 -21.48 30.64 -5.94
N ASP C 23 -20.19 30.74 -6.21
CA ASP C 23 -19.45 29.63 -6.81
C ASP C 23 -19.49 28.37 -5.95
N LEU C 24 -19.25 27.21 -6.56
CA LEU C 24 -19.23 25.95 -5.84
C LEU C 24 -18.20 25.94 -4.70
N ALA C 25 -17.17 26.75 -4.83
CA ALA C 25 -16.17 26.85 -3.77
C ALA C 25 -16.78 27.48 -2.52
N SER C 26 -17.59 28.51 -2.72
CA SER C 26 -18.24 29.19 -1.60
C SER C 26 -19.25 28.31 -0.87
N ILE C 27 -20.07 27.59 -1.63
CA ILE C 27 -21.01 26.65 -1.06
C ILE C 27 -20.23 25.63 -0.25
N ALA C 28 -19.17 25.10 -0.87
CA ALA C 28 -18.31 24.12 -0.24
C ALA C 28 -17.91 24.57 1.18
N ARG C 29 -17.69 25.87 1.35
CA ARG C 29 -17.34 26.44 2.66
C ARG C 29 -18.52 26.57 3.63
N GLU C 30 -19.64 27.15 3.17
CA GLU C 30 -20.82 27.26 4.03
C GLU C 30 -21.34 25.87 4.41
N LYS C 31 -21.70 25.08 3.40
CA LYS C 31 -22.38 23.81 3.65
C LYS C 31 -21.48 22.60 4.00
N GLY C 32 -20.18 22.86 4.23
CA GLY C 32 -19.24 21.84 4.65
C GLY C 32 -18.98 20.65 3.73
N ILE C 33 -18.70 20.93 2.46
CA ILE C 33 -18.42 19.88 1.48
C ILE C 33 -16.90 19.71 1.33
N GLU C 34 -16.40 18.49 1.53
CA GLU C 34 -14.96 18.28 1.49
C GLU C 34 -14.47 17.79 0.13
N PHE C 35 -15.37 17.10 -0.57
CA PHE C 35 -15.07 16.52 -1.88
C PHE C 35 -16.28 16.67 -2.81
N PHE C 36 -16.01 16.82 -4.10
CA PHE C 36 -17.07 16.76 -5.08
C PHE C 36 -16.89 15.50 -5.91
N LEU C 37 -18.01 14.87 -6.22
CA LEU C 37 -18.06 13.82 -7.21
C LEU C 37 -18.49 14.46 -8.53
N ILE C 38 -17.62 14.47 -9.54
CA ILE C 38 -18.01 15.00 -10.84
C ILE C 38 -18.41 13.83 -11.74
N SER C 39 -19.68 13.79 -12.11
CA SER C 39 -20.27 12.58 -12.68
C SER C 39 -20.90 12.77 -14.07
N PHE C 40 -20.74 11.78 -14.93
CA PHE C 40 -21.48 11.74 -16.20
C PHE C 40 -21.94 10.31 -16.52
N THR C 41 -23.01 10.20 -17.30
CA THR C 41 -23.55 8.90 -17.70
C THR C 41 -23.11 8.56 -19.13
N ASP C 42 -22.52 7.38 -19.30
CA ASP C 42 -22.07 6.98 -20.63
C ASP C 42 -23.18 6.23 -21.36
N LEU C 43 -22.89 5.77 -22.57
CA LEU C 43 -23.88 5.12 -23.40
C LEU C 43 -24.56 3.91 -22.76
N LEU C 44 -23.95 3.32 -21.75
CA LEU C 44 -24.53 2.12 -21.17
C LEU C 44 -25.23 2.41 -19.85
N GLY C 45 -25.25 3.67 -19.45
CA GLY C 45 -25.93 4.05 -18.22
C GLY C 45 -25.02 3.99 -17.01
N VAL C 46 -23.80 3.51 -17.25
CA VAL C 46 -22.77 3.50 -16.24
C VAL C 46 -22.48 4.91 -15.77
N GLN C 47 -22.47 5.12 -14.46
CA GLN C 47 -22.03 6.38 -13.90
C GLN C 47 -20.52 6.43 -13.80
N ARG C 48 -19.90 7.26 -14.62
CA ARG C 48 -18.48 7.52 -14.43
C ARG C 48 -18.36 8.73 -13.54
N ALA C 49 -17.54 8.63 -12.50
CA ALA C 49 -17.38 9.75 -11.59
C ALA C 49 -15.93 9.95 -11.30
N LYS C 50 -15.63 11.09 -10.68
CA LYS C 50 -14.29 11.42 -10.24
C LYS C 50 -14.39 12.19 -8.94
N LEU C 51 -13.50 11.91 -8.00
CA LEU C 51 -13.58 12.54 -6.68
C LEU C 51 -12.53 13.65 -6.52
N VAL C 52 -12.99 14.90 -6.46
CA VAL C 52 -12.06 16.02 -6.35
C VAL C 52 -12.26 16.71 -5.01
N PRO C 53 -11.16 17.09 -4.36
CA PRO C 53 -11.25 17.82 -3.10
C PRO C 53 -11.76 19.22 -3.38
N ALA C 54 -12.34 19.86 -2.37
CA ALA C 54 -12.84 21.23 -2.49
C ALA C 54 -11.80 22.22 -3.03
N ARG C 55 -10.56 22.09 -2.59
CA ARG C 55 -9.52 23.02 -3.01
C ARG C 55 -9.37 23.06 -4.51
N ALA C 56 -10.02 22.13 -5.22
CA ALA C 56 -9.89 22.07 -6.69
C ALA C 56 -11.19 22.31 -7.48
N ILE C 57 -12.31 22.47 -6.78
CA ILE C 57 -13.61 22.55 -7.45
C ILE C 57 -13.65 23.77 -8.37
N ALA C 58 -13.13 24.90 -7.88
CA ALA C 58 -13.18 26.17 -8.61
C ALA C 58 -12.76 26.03 -10.06
N ASP C 59 -11.59 25.45 -10.25
CA ASP C 59 -11.02 25.34 -11.59
C ASP C 59 -11.87 24.44 -12.49
N MET C 60 -12.41 23.36 -11.94
CA MET C 60 -13.17 22.39 -12.73
C MET C 60 -14.62 22.81 -13.04
N ALA C 61 -15.23 23.54 -12.11
CA ALA C 61 -16.55 24.08 -12.35
C ALA C 61 -16.56 24.74 -13.72
N VAL C 62 -15.42 25.29 -14.08
CA VAL C 62 -15.29 26.13 -15.26
C VAL C 62 -14.70 25.39 -16.47
N ASN C 63 -13.61 24.66 -16.25
CA ASN C 63 -12.94 23.90 -17.32
C ASN C 63 -13.33 22.43 -17.38
N GLY C 64 -13.99 21.95 -16.35
CA GLY C 64 -14.44 20.57 -16.32
C GLY C 64 -13.34 19.61 -15.89
N ALA C 65 -13.74 18.36 -15.66
CA ALA C 65 -12.84 17.30 -15.21
C ALA C 65 -12.41 16.46 -16.40
N GLY C 66 -11.14 16.06 -16.40
CA GLY C 66 -10.61 15.38 -17.55
C GLY C 66 -10.62 13.88 -17.45
N PHE C 67 -11.45 13.23 -18.23
CA PHE C 67 -11.42 11.80 -18.34
C PHE C 67 -10.93 11.42 -19.72
N ALA C 68 -10.62 10.16 -19.91
CA ALA C 68 -10.26 9.65 -21.22
C ALA C 68 -11.45 8.85 -21.70
N GLY C 69 -12.24 9.44 -22.58
CA GLY C 69 -13.48 8.84 -23.02
C GLY C 69 -13.39 7.46 -23.61
N PHE C 70 -12.20 7.00 -23.93
CA PHE C 70 -12.07 5.69 -24.54
C PHE C 70 -12.27 4.60 -23.50
N ALA C 71 -12.23 5.01 -22.24
CA ALA C 71 -12.29 4.04 -21.17
C ALA C 71 -13.72 3.83 -20.71
N ALA C 72 -14.58 4.77 -21.10
CA ALA C 72 -16.01 4.69 -20.81
C ALA C 72 -16.75 4.30 -22.09
N TRP C 73 -18.06 4.11 -21.98
CA TRP C 73 -18.87 3.77 -23.16
C TRP C 73 -19.26 5.01 -23.98
N LEU C 74 -18.37 5.40 -24.89
CA LEU C 74 -18.50 6.64 -25.63
C LEU C 74 -17.97 6.49 -27.05
N ASP C 75 -17.62 5.26 -27.43
CA ASP C 75 -17.12 5.01 -28.77
C ASP C 75 -15.96 5.93 -29.18
N MET C 76 -14.98 6.10 -28.29
CA MET C 76 -13.83 6.96 -28.59
C MET C 76 -12.53 6.16 -28.66
N SER C 77 -11.45 6.85 -28.97
CA SER C 77 -10.14 6.22 -29.15
C SER C 77 -9.10 6.74 -28.15
N PRO C 78 -8.09 5.91 -27.86
CA PRO C 78 -7.01 6.30 -26.94
C PRO C 78 -6.29 7.53 -27.49
N ALA C 79 -6.30 7.64 -28.81
CA ALA C 79 -5.59 8.73 -29.45
C ALA C 79 -6.32 10.07 -29.34
N ASP C 80 -7.61 10.06 -29.03
CA ASP C 80 -8.36 11.29 -28.87
C ASP C 80 -7.87 12.07 -27.66
N ALA C 81 -8.16 13.36 -27.60
CA ALA C 81 -7.79 14.15 -26.42
C ALA C 81 -8.71 13.76 -25.28
N ASP C 82 -8.34 14.08 -24.04
CA ASP C 82 -9.23 13.77 -22.93
C ASP C 82 -10.43 14.67 -23.08
N ILE C 83 -11.64 14.12 -22.93
CA ILE C 83 -12.86 14.93 -22.92
C ILE C 83 -12.91 15.80 -21.66
N LEU C 84 -13.68 16.89 -21.67
CA LEU C 84 -13.85 17.69 -20.46
C LEU C 84 -15.29 17.58 -19.98
N ALA C 85 -15.47 17.29 -18.70
CA ALA C 85 -16.80 17.14 -18.14
C ALA C 85 -17.11 18.34 -17.26
N ILE C 86 -17.91 19.24 -17.79
CA ILE C 86 -18.27 20.44 -17.05
C ILE C 86 -19.52 20.21 -16.19
N PRO C 87 -19.37 20.40 -14.87
CA PRO C 87 -20.46 20.20 -13.91
C PRO C 87 -21.58 21.19 -14.16
N ASP C 88 -22.82 20.79 -13.93
CA ASP C 88 -23.95 21.69 -13.91
C ASP C 88 -24.23 22.08 -12.48
N PRO C 89 -23.70 23.23 -12.04
CA PRO C 89 -23.82 23.66 -10.65
C PRO C 89 -25.24 23.60 -10.12
N GLU C 90 -26.21 23.68 -11.02
CA GLU C 90 -27.61 23.62 -10.62
C GLU C 90 -28.02 22.23 -10.12
N SER C 91 -27.15 21.25 -10.33
CA SER C 91 -27.50 19.85 -10.08
C SER C 91 -26.92 19.34 -8.77
N LEU C 92 -26.14 20.18 -8.11
CA LEU C 92 -25.53 19.79 -6.83
C LEU C 92 -26.51 18.99 -5.97
N ILE C 93 -26.04 17.86 -5.45
CA ILE C 93 -26.76 17.14 -4.41
C ILE C 93 -25.77 16.76 -3.34
N GLN C 94 -26.01 17.20 -2.11
CA GLN C 94 -25.19 16.75 -1.00
C GLN C 94 -25.69 15.38 -0.56
N LEU C 95 -24.84 14.36 -0.73
CA LEU C 95 -25.23 12.97 -0.42
C LEU C 95 -25.93 12.96 0.93
N PRO C 96 -27.22 12.65 0.95
CA PRO C 96 -27.91 12.78 2.23
C PRO C 96 -27.35 11.85 3.30
N TRP C 97 -26.72 10.76 2.88
CA TRP C 97 -26.13 9.79 3.79
C TRP C 97 -24.65 10.08 4.06
N LYS C 98 -24.09 11.02 3.30
CA LYS C 98 -22.70 11.42 3.42
C LYS C 98 -22.51 12.87 2.94
N PRO C 99 -22.99 13.82 3.74
CA PRO C 99 -23.16 15.23 3.40
C PRO C 99 -21.89 15.96 2.94
N SER C 100 -20.72 15.39 3.21
CA SER C 100 -19.47 16.08 2.88
C SER C 100 -19.06 15.84 1.42
N VAL C 101 -19.80 14.95 0.76
CA VAL C 101 -19.58 14.74 -0.66
C VAL C 101 -20.67 15.42 -1.48
N GLY C 102 -20.25 16.27 -2.41
CA GLY C 102 -21.15 16.94 -3.33
C GLY C 102 -21.21 16.26 -4.68
N TRP C 103 -22.39 15.77 -5.05
CA TRP C 103 -22.59 15.10 -6.32
C TRP C 103 -23.00 16.11 -7.39
N LEU C 104 -22.47 15.94 -8.61
CA LEU C 104 -22.75 16.84 -9.73
C LEU C 104 -22.92 16.07 -11.03
N ALA C 105 -23.96 16.42 -11.79
CA ALA C 105 -24.12 15.84 -13.13
C ALA C 105 -23.39 16.74 -14.13
N ALA C 106 -22.84 16.16 -15.19
CA ALA C 106 -21.98 16.92 -16.09
C ALA C 106 -22.16 16.60 -17.59
N ASP C 107 -21.94 17.60 -18.44
CA ASP C 107 -21.95 17.36 -19.88
C ASP C 107 -20.54 17.03 -20.30
N VAL C 108 -20.37 15.94 -21.05
CA VAL C 108 -19.06 15.66 -21.61
C VAL C 108 -18.78 16.58 -22.81
N HIS C 109 -17.85 17.52 -22.66
CA HIS C 109 -17.39 18.35 -23.76
C HIS C 109 -16.16 17.74 -24.43
N PHE C 110 -16.10 17.80 -25.75
CA PHE C 110 -14.94 17.33 -26.51
C PHE C 110 -14.53 18.34 -27.56
N GLU C 111 -13.28 18.78 -27.49
CA GLU C 111 -12.75 19.73 -28.45
C GLU C 111 -13.65 20.94 -28.62
N GLY C 112 -13.97 21.58 -27.51
CA GLY C 112 -14.74 22.81 -27.49
C GLY C 112 -16.22 22.60 -27.25
N ARG C 113 -16.84 21.87 -28.17
CA ARG C 113 -18.29 21.66 -28.19
C ARG C 113 -18.72 20.49 -27.29
N PRO C 114 -19.98 20.49 -26.86
CA PRO C 114 -20.49 19.29 -26.18
C PRO C 114 -20.40 18.06 -27.08
N PHE C 115 -19.99 16.94 -26.50
CA PHE C 115 -19.82 15.70 -27.27
C PHE C 115 -21.18 15.04 -27.53
N PRO C 116 -21.61 15.03 -28.79
CA PRO C 116 -22.94 14.53 -29.16
C PRO C 116 -23.15 13.03 -28.89
N LYS C 117 -22.13 12.30 -28.44
CA LYS C 117 -22.33 10.88 -28.12
C LYS C 117 -22.69 10.61 -26.66
N ALA C 118 -22.45 11.59 -25.79
CA ALA C 118 -22.86 11.49 -24.41
C ALA C 118 -24.35 11.71 -24.35
N PRO C 119 -25.05 10.86 -23.58
CA PRO C 119 -26.50 10.92 -23.40
C PRO C 119 -27.06 12.26 -22.93
N ARG C 120 -26.50 12.90 -21.90
CA ARG C 120 -27.06 14.18 -21.41
C ARG C 120 -26.95 15.25 -22.49
N VAL C 121 -25.92 15.17 -23.31
CA VAL C 121 -25.74 16.09 -24.40
C VAL C 121 -26.81 15.82 -25.47
N ALA C 122 -27.13 14.56 -25.70
CA ALA C 122 -28.12 14.24 -26.70
C ALA C 122 -29.50 14.60 -26.20
N LEU C 123 -29.79 14.32 -24.93
CA LEU C 123 -31.09 14.75 -24.38
C LEU C 123 -31.27 16.26 -24.50
N LYS C 124 -30.22 17.03 -24.20
CA LYS C 124 -30.35 18.48 -24.17
C LYS C 124 -30.54 19.06 -25.57
N SER C 125 -30.03 18.35 -26.58
CA SER C 125 -30.25 18.73 -27.98
C SER C 125 -31.72 18.61 -28.39
N VAL C 126 -32.30 17.42 -28.21
CA VAL C 126 -33.68 17.20 -28.57
C VAL C 126 -34.57 18.21 -27.84
N LEU C 127 -34.26 18.46 -26.57
CA LEU C 127 -35.02 19.42 -25.78
C LEU C 127 -34.99 20.81 -26.41
N ALA C 128 -33.84 21.17 -26.97
CA ALA C 128 -33.66 22.52 -27.53
C ALA C 128 -34.47 22.71 -28.82
N ARG C 129 -34.54 21.65 -29.61
CA ARG C 129 -35.44 21.63 -30.76
C ARG C 129 -36.86 21.85 -30.31
N ALA C 130 -37.32 21.05 -29.35
CA ALA C 130 -38.67 21.16 -28.82
C ALA C 130 -38.89 22.52 -28.18
N ALA C 131 -37.86 23.03 -27.53
CA ALA C 131 -37.91 24.35 -26.89
C ALA C 131 -38.27 25.46 -27.88
N GLY C 132 -37.58 25.49 -29.02
CA GLY C 132 -37.83 26.48 -30.04
C GLY C 132 -39.17 26.36 -30.76
N LYS C 133 -40.06 25.52 -30.24
CA LYS C 133 -41.43 25.45 -30.72
C LYS C 133 -42.36 25.67 -29.52
N ASP C 134 -41.82 26.29 -28.47
CA ASP C 134 -42.52 26.45 -27.19
C ASP C 134 -43.13 25.12 -26.71
N MET C 135 -42.37 24.06 -26.90
CA MET C 135 -42.76 22.76 -26.37
C MET C 135 -41.75 22.24 -25.32
N HIS C 136 -42.23 21.96 -24.13
CA HIS C 136 -41.37 21.52 -23.04
C HIS C 136 -41.79 20.15 -22.52
N LEU C 137 -40.91 19.18 -22.69
CA LEU C 137 -41.15 17.83 -22.19
C LEU C 137 -41.05 17.78 -20.68
N LYS C 138 -41.99 17.10 -20.04
CA LYS C 138 -41.95 16.81 -18.62
C LYS C 138 -42.26 15.33 -18.44
N HIS C 139 -41.50 14.66 -17.59
CA HIS C 139 -41.75 13.24 -17.37
C HIS C 139 -41.48 12.76 -15.96
N GLY C 140 -42.16 11.70 -15.60
CA GLY C 140 -41.93 11.02 -14.34
C GLY C 140 -41.44 9.61 -14.61
N VAL C 141 -40.66 9.05 -13.69
CA VAL C 141 -40.17 7.68 -13.82
C VAL C 141 -40.72 6.77 -12.74
N GLU C 142 -41.09 5.56 -13.15
CA GLU C 142 -41.47 4.50 -12.21
C GLU C 142 -40.35 3.46 -12.08
N CYS C 143 -39.26 3.81 -11.37
CA CYS C 143 -38.13 2.89 -11.22
C CYS C 143 -38.39 1.76 -10.21
N GLU C 144 -38.70 0.58 -10.74
CA GLU C 144 -38.86 -0.60 -9.93
C GLU C 144 -37.47 -1.17 -9.66
N PHE C 145 -37.34 -1.91 -8.56
CA PHE C 145 -36.07 -2.55 -8.25
C PHE C 145 -36.31 -3.68 -7.26
N PHE C 146 -35.49 -4.73 -7.35
CA PHE C 146 -35.47 -5.75 -6.30
C PHE C 146 -34.43 -5.34 -5.29
N LEU C 147 -34.64 -5.79 -4.05
CA LEU C 147 -33.58 -5.82 -3.05
C LEU C 147 -33.14 -7.29 -2.97
N ILE C 148 -31.84 -7.52 -3.08
CA ILE C 148 -31.31 -8.88 -3.12
C ILE C 148 -30.21 -9.12 -2.07
N GLN C 149 -29.77 -10.37 -1.95
CA GLN C 149 -28.65 -10.71 -1.08
C GLN C 149 -27.44 -10.11 -1.75
N PRO C 150 -26.44 -9.73 -0.96
CA PRO C 150 -25.23 -9.15 -1.57
C PRO C 150 -24.61 -10.02 -2.68
N ASP C 151 -24.58 -11.34 -2.51
CA ASP C 151 -23.99 -12.19 -3.53
C ASP C 151 -24.91 -12.37 -4.76
N GLY C 152 -26.09 -11.75 -4.73
CA GLY C 152 -26.98 -11.75 -5.88
C GLY C 152 -27.81 -13.01 -6.11
N SER C 153 -27.61 -14.03 -5.29
CA SER C 153 -28.27 -15.33 -5.48
C SER C 153 -29.79 -15.32 -5.27
N ALA C 154 -30.28 -14.41 -4.44
CA ALA C 154 -31.66 -14.45 -4.04
C ALA C 154 -32.13 -13.12 -3.50
N ILE C 155 -33.45 -12.96 -3.40
CA ILE C 155 -33.99 -11.72 -2.87
C ILE C 155 -33.52 -11.57 -1.44
N SER C 156 -33.63 -10.37 -0.90
CA SER C 156 -33.09 -10.09 0.42
C SER C 156 -33.93 -10.65 1.58
N ASP C 157 -35.15 -11.09 1.31
CA ASP C 157 -36.07 -11.44 2.37
C ASP C 157 -36.66 -12.83 2.12
N PRO C 158 -36.17 -13.83 2.86
CA PRO C 158 -36.60 -15.20 2.59
C PRO C 158 -38.05 -15.43 3.01
N ALA C 159 -38.62 -14.49 3.76
CA ALA C 159 -39.99 -14.60 4.23
C ALA C 159 -41.04 -14.05 3.23
N ASP C 160 -40.55 -13.48 2.13
CA ASP C 160 -41.38 -12.92 1.05
C ASP C 160 -41.58 -13.97 -0.04
N THR C 161 -42.69 -14.69 0.02
CA THR C 161 -42.81 -15.93 -0.76
C THR C 161 -44.20 -16.27 -1.29
N GLN C 162 -45.21 -15.45 -1.01
CA GLN C 162 -46.55 -15.78 -1.48
C GLN C 162 -46.76 -15.59 -3.00
N ALA C 163 -47.82 -16.20 -3.51
CA ALA C 163 -48.12 -16.13 -4.93
C ALA C 163 -48.31 -14.66 -5.39
N LYS C 164 -49.23 -13.94 -4.76
CA LYS C 164 -49.48 -12.55 -5.15
C LYS C 164 -48.97 -11.61 -4.08
N PRO C 165 -47.67 -11.32 -4.14
CA PRO C 165 -46.98 -10.49 -3.15
C PRO C 165 -47.26 -9.00 -3.25
N CYS C 166 -47.92 -8.53 -4.31
CA CYS C 166 -48.01 -7.09 -4.54
C CYS C 166 -48.66 -6.35 -3.37
N TYR C 167 -48.07 -5.21 -3.01
CA TYR C 167 -48.52 -4.40 -1.87
C TYR C 167 -48.59 -5.20 -0.53
N ASP C 168 -47.75 -6.21 -0.37
CA ASP C 168 -47.69 -6.98 0.89
C ASP C 168 -47.19 -6.17 2.08
N GLN C 169 -48.12 -5.82 2.97
CA GLN C 169 -47.82 -4.99 4.12
C GLN C 169 -46.76 -5.68 5.00
N ASP C 170 -46.91 -6.97 5.20
CA ASP C 170 -45.91 -7.71 5.95
C ASP C 170 -44.52 -7.46 5.33
N ALA C 171 -44.25 -8.04 4.18
CA ALA C 171 -42.95 -7.83 3.53
C ALA C 171 -42.54 -6.34 3.33
N LEU C 172 -43.52 -5.46 3.16
CA LEU C 172 -43.23 -4.04 2.96
C LEU C 172 -42.56 -3.44 4.17
N MET C 173 -43.19 -3.64 5.32
CA MET C 173 -42.68 -3.10 6.57
C MET C 173 -41.44 -3.85 7.04
N ARG C 174 -41.18 -5.03 6.48
CA ARG C 174 -39.97 -5.75 6.81
C ARG C 174 -38.73 -5.03 6.26
N ARG C 175 -38.94 -4.14 5.29
CA ARG C 175 -37.85 -3.38 4.71
C ARG C 175 -38.07 -1.89 4.95
N PHE C 176 -38.87 -1.58 5.96
CA PHE C 176 -39.17 -0.20 6.28
C PHE C 176 -37.89 0.62 6.47
N ASP C 177 -36.95 0.09 7.22
CA ASP C 177 -35.81 0.92 7.59
C ASP C 177 -35.15 1.55 6.38
N VAL C 178 -34.79 0.73 5.39
CA VAL C 178 -34.10 1.22 4.21
C VAL C 178 -35.00 2.05 3.29
N ILE C 179 -36.23 1.59 3.05
CA ILE C 179 -37.20 2.38 2.30
C ILE C 179 -37.39 3.76 2.93
N ALA C 180 -37.99 3.81 4.10
CA ALA C 180 -38.20 5.06 4.81
C ALA C 180 -37.00 6.00 4.71
N GLU C 181 -35.78 5.46 4.81
CA GLU C 181 -34.57 6.29 4.81
C GLU C 181 -34.46 7.05 3.49
N ILE C 182 -34.50 6.28 2.41
CA ILE C 182 -34.41 6.81 1.07
C ILE C 182 -35.58 7.71 0.70
N CYS C 183 -36.75 7.43 1.24
CA CYS C 183 -37.91 8.24 0.92
C CYS C 183 -37.73 9.59 1.58
N SER C 184 -37.24 9.56 2.82
CA SER C 184 -37.09 10.78 3.59
C SER C 184 -36.04 11.70 2.97
N TYR C 185 -34.98 11.12 2.43
CA TYR C 185 -33.98 11.85 1.67
C TYR C 185 -34.65 12.59 0.50
N MET C 186 -35.52 11.88 -0.20
CA MET C 186 -36.25 12.48 -1.28
C MET C 186 -37.14 13.64 -0.80
N VAL C 187 -37.79 13.47 0.35
CA VAL C 187 -38.53 14.59 0.94
C VAL C 187 -37.59 15.80 1.13
N ASP C 188 -36.41 15.57 1.70
CA ASP C 188 -35.49 16.68 2.00
C ASP C 188 -34.98 17.35 0.72
N LEU C 189 -34.69 16.56 -0.32
CA LEU C 189 -34.10 17.08 -1.54
C LEU C 189 -35.12 17.80 -2.43
N GLY C 190 -36.40 17.67 -2.11
CA GLY C 190 -37.44 18.41 -2.80
C GLY C 190 -38.05 17.76 -4.02
N TRP C 191 -37.70 16.49 -4.26
CA TRP C 191 -38.25 15.74 -5.38
C TRP C 191 -39.74 15.47 -5.23
N GLY C 192 -40.28 15.77 -4.06
CA GLY C 192 -41.70 15.53 -3.80
C GLY C 192 -42.14 14.09 -3.99
N PRO C 193 -41.67 13.19 -3.12
CA PRO C 193 -42.10 11.79 -3.23
C PRO C 193 -43.51 11.67 -2.68
N TYR C 194 -44.29 10.70 -3.17
CA TYR C 194 -45.66 10.60 -2.69
C TYR C 194 -46.07 9.18 -2.32
N GLN C 195 -45.30 8.18 -2.76
CA GLN C 195 -45.63 6.81 -2.39
C GLN C 195 -44.48 5.80 -2.52
N ASN C 196 -44.49 4.80 -1.63
CA ASN C 196 -43.55 3.65 -1.68
C ASN C 196 -44.32 2.34 -1.66
N ASP C 197 -44.01 1.43 -2.58
CA ASP C 197 -44.80 0.20 -2.75
C ASP C 197 -44.00 -1.07 -2.90
N HIS C 198 -44.59 -2.18 -2.47
CA HIS C 198 -44.05 -3.48 -2.79
C HIS C 198 -44.73 -3.87 -4.10
N GLU C 199 -43.94 -4.24 -5.11
CA GLU C 199 -44.47 -4.55 -6.42
C GLU C 199 -44.80 -6.04 -6.65
N ASP C 200 -45.18 -6.42 -7.87
CA ASP C 200 -45.83 -7.71 -8.11
C ASP C 200 -44.92 -8.95 -8.04
N ALA C 201 -43.63 -8.75 -7.82
CA ALA C 201 -42.72 -9.86 -7.66
C ALA C 201 -42.21 -9.89 -6.23
N ASN C 202 -41.93 -11.07 -5.72
CA ASN C 202 -41.29 -11.16 -4.43
C ASN C 202 -40.00 -10.38 -4.46
N GLY C 203 -39.81 -9.51 -3.49
CA GLY C 203 -38.54 -8.82 -3.30
C GLY C 203 -38.41 -7.54 -4.07
N GLN C 204 -39.51 -7.11 -4.67
CA GLN C 204 -39.47 -5.99 -5.60
C GLN C 204 -40.26 -4.79 -5.11
N PHE C 205 -39.70 -3.60 -5.36
CA PHE C 205 -40.25 -2.37 -4.83
C PHE C 205 -40.30 -1.22 -5.85
N GLU C 206 -41.05 -0.18 -5.49
CA GLU C 206 -41.12 1.04 -6.27
C GLU C 206 -41.24 2.22 -5.33
N MET C 207 -40.57 3.32 -5.68
CA MET C 207 -40.74 4.56 -4.94
C MET C 207 -40.96 5.68 -5.96
N ASN C 208 -42.04 6.43 -5.80
CA ASN C 208 -42.44 7.43 -6.78
C ASN C 208 -42.30 8.90 -6.32
N TRP C 209 -41.66 9.72 -7.14
CA TRP C 209 -41.67 11.16 -6.89
C TRP C 209 -42.30 11.92 -8.08
N ASP C 210 -42.44 13.25 -7.95
CA ASP C 210 -43.11 14.10 -8.93
C ASP C 210 -42.45 14.17 -10.30
N TYR C 211 -43.26 14.46 -11.32
CA TYR C 211 -42.77 14.66 -12.68
C TYR C 211 -42.13 16.03 -12.75
N ALA C 212 -41.28 16.24 -13.74
CA ALA C 212 -40.62 17.53 -13.85
C ALA C 212 -40.06 17.74 -15.24
N ASP C 213 -39.42 18.87 -15.45
CA ASP C 213 -38.70 19.08 -16.70
C ASP C 213 -37.86 17.85 -16.96
N ALA C 214 -37.97 17.29 -18.15
CA ALA C 214 -37.18 16.13 -18.54
C ALA C 214 -35.76 16.12 -17.96
N LEU C 215 -34.98 17.17 -18.22
CA LEU C 215 -33.59 17.20 -17.73
C LEU C 215 -33.51 17.06 -16.23
N VAL C 216 -34.35 17.80 -15.49
CA VAL C 216 -34.44 17.60 -14.04
C VAL C 216 -34.68 16.13 -13.69
N THR C 217 -35.78 15.58 -14.19
CA THR C 217 -36.11 14.17 -14.01
C THR C 217 -34.93 13.25 -14.31
N ALA C 218 -34.34 13.41 -15.49
CA ALA C 218 -33.23 12.55 -15.90
C ALA C 218 -32.12 12.48 -14.85
N ASP C 219 -31.58 13.63 -14.42
CA ASP C 219 -30.57 13.66 -13.35
C ASP C 219 -31.07 12.90 -12.14
N ARG C 220 -32.27 13.23 -11.70
CA ARG C 220 -32.86 12.57 -10.55
C ARG C 220 -32.91 11.06 -10.73
N HIS C 221 -33.17 10.61 -11.96
CA HIS C 221 -33.16 9.18 -12.26
C HIS C 221 -31.74 8.60 -12.09
N ALA C 222 -30.74 9.25 -12.66
CA ALA C 222 -29.36 8.80 -12.57
C ALA C 222 -28.89 8.76 -11.13
N PHE C 223 -29.33 9.73 -10.34
CA PHE C 223 -28.93 9.77 -8.94
C PHE C 223 -29.73 8.78 -8.10
N PHE C 224 -31.02 8.61 -8.41
CA PHE C 224 -31.83 7.65 -7.67
C PHE C 224 -31.23 6.24 -7.72
N LYS C 225 -30.86 5.80 -8.92
CA LYS C 225 -30.22 4.50 -9.09
C LYS C 225 -28.97 4.36 -8.21
N PHE C 226 -28.26 5.46 -8.02
CA PHE C 226 -27.04 5.49 -7.20
C PHE C 226 -27.36 5.44 -5.72
N MET C 227 -28.34 6.23 -5.30
CA MET C 227 -28.73 6.28 -3.91
C MET C 227 -29.25 4.92 -3.38
N VAL C 228 -30.30 4.40 -4.02
CA VAL C 228 -30.83 3.09 -3.68
C VAL C 228 -29.77 1.99 -3.66
N LYS C 229 -28.85 2.01 -4.62
CA LYS C 229 -27.77 1.02 -4.64
C LYS C 229 -26.87 1.27 -3.44
N SER C 230 -26.55 2.54 -3.22
CA SER C 230 -25.67 2.92 -2.12
C SER C 230 -26.27 2.68 -0.73
N VAL C 231 -27.52 3.08 -0.51
CA VAL C 231 -28.13 2.95 0.80
C VAL C 231 -28.34 1.48 1.19
N ALA C 232 -28.90 0.72 0.26
CA ALA C 232 -29.07 -0.72 0.44
C ALA C 232 -27.77 -1.45 0.80
N GLU C 233 -26.63 -1.01 0.27
CA GLU C 233 -25.35 -1.61 0.67
C GLU C 233 -25.02 -1.35 2.13
N ARG C 234 -25.37 -0.16 2.59
CA ARG C 234 -25.14 0.24 3.98
C ARG C 234 -26.02 -0.55 4.95
N HIS C 235 -27.09 -1.15 4.44
CA HIS C 235 -27.95 -2.00 5.24
C HIS C 235 -27.64 -3.47 4.92
N GLY C 236 -26.43 -3.75 4.46
CA GLY C 236 -26.04 -5.12 4.13
C GLY C 236 -26.91 -5.81 3.10
N LEU C 237 -27.52 -5.01 2.22
CA LEU C 237 -28.31 -5.51 1.10
C LEU C 237 -27.73 -5.06 -0.23
N ARG C 238 -28.55 -5.21 -1.28
CA ARG C 238 -28.16 -4.86 -2.65
C ARG C 238 -29.40 -4.53 -3.48
N ALA C 239 -29.30 -3.49 -4.29
CA ALA C 239 -30.40 -3.14 -5.17
C ALA C 239 -30.06 -3.47 -6.61
N THR C 240 -30.98 -4.13 -7.34
CA THR C 240 -30.80 -4.27 -8.79
C THR C 240 -31.96 -3.74 -9.66
N PHE C 241 -31.62 -2.94 -10.66
CA PHE C 241 -32.61 -2.46 -11.65
C PHE C 241 -32.68 -3.36 -12.90
N MET C 242 -31.86 -4.41 -12.93
CA MET C 242 -31.88 -5.39 -14.01
C MET C 242 -33.28 -5.83 -14.48
N PRO C 243 -33.49 -5.91 -15.80
CA PRO C 243 -34.83 -6.24 -16.32
C PRO C 243 -35.39 -7.52 -15.74
N LYS C 244 -34.67 -8.62 -15.86
CA LYS C 244 -35.18 -9.89 -15.36
C LYS C 244 -34.09 -10.61 -14.55
N PRO C 245 -33.99 -10.28 -13.25
CA PRO C 245 -32.93 -10.83 -12.40
C PRO C 245 -33.21 -12.26 -11.94
N PHE C 246 -34.45 -12.75 -12.01
CA PHE C 246 -34.74 -14.12 -11.56
C PHE C 246 -35.57 -14.91 -12.53
N ALA C 247 -35.18 -16.16 -12.74
CA ALA C 247 -35.90 -17.02 -13.65
C ALA C 247 -37.35 -17.20 -13.25
N HIS C 248 -37.64 -17.11 -11.96
CA HIS C 248 -38.98 -17.48 -11.49
C HIS C 248 -39.90 -16.30 -11.17
N LEU C 249 -39.43 -15.07 -11.43
CA LEU C 249 -40.17 -13.86 -11.05
C LEU C 249 -40.28 -12.84 -12.19
N THR C 250 -41.26 -11.94 -12.08
CA THR C 250 -41.37 -10.88 -13.07
C THR C 250 -40.23 -9.89 -12.94
N GLY C 251 -40.11 -9.03 -13.95
CA GLY C 251 -38.99 -8.14 -14.08
C GLY C 251 -39.22 -6.71 -13.65
N ASN C 252 -38.22 -5.88 -13.89
CA ASN C 252 -38.26 -4.47 -13.56
C ASN C 252 -38.72 -3.64 -14.75
N GLY C 253 -39.75 -2.85 -14.53
CA GLY C 253 -40.21 -1.94 -15.56
C GLY C 253 -39.61 -0.57 -15.29
N CYS C 254 -39.71 0.30 -16.28
CA CYS C 254 -39.45 1.71 -16.06
C CYS C 254 -40.45 2.50 -16.87
N HIS C 255 -41.74 2.28 -16.58
CA HIS C 255 -42.80 3.01 -17.26
C HIS C 255 -42.57 4.51 -17.07
N THR C 256 -42.99 5.30 -18.05
CA THR C 256 -42.75 6.74 -18.05
C THR C 256 -44.03 7.55 -18.25
N HIS C 257 -44.16 8.62 -17.48
CA HIS C 257 -45.29 9.54 -17.62
C HIS C 257 -44.87 10.78 -18.38
N LEU C 258 -45.55 11.08 -19.48
CA LEU C 258 -45.17 12.17 -20.38
C LEU C 258 -46.21 13.30 -20.45
N SER C 259 -45.73 14.53 -20.64
CA SER C 259 -46.59 15.68 -20.89
C SER C 259 -45.82 16.86 -21.53
N MET C 260 -46.42 17.48 -22.53
CA MET C 260 -45.79 18.60 -23.23
C MET C 260 -46.33 19.92 -22.72
N TRP C 261 -45.46 20.86 -22.39
CA TRP C 261 -45.94 22.15 -21.88
C TRP C 261 -45.39 23.33 -22.68
N THR C 262 -46.08 24.46 -22.61
CA THR C 262 -45.54 25.71 -23.16
C THR C 262 -44.83 26.45 -22.04
N ALA C 263 -43.91 27.33 -22.41
CA ALA C 263 -43.29 28.18 -21.39
C ALA C 263 -44.35 28.83 -20.50
N ALA C 264 -45.47 29.22 -21.11
CA ALA C 264 -46.56 29.86 -20.39
C ALA C 264 -47.25 28.92 -19.39
N GLY C 265 -46.67 27.75 -19.21
CA GLY C 265 -47.22 26.77 -18.28
C GLY C 265 -48.57 26.19 -18.67
N ASP C 266 -48.75 25.89 -19.95
CA ASP C 266 -49.97 25.22 -20.38
C ASP C 266 -49.70 23.83 -20.94
N ASN C 267 -50.53 22.88 -20.55
CA ASN C 267 -50.36 21.49 -20.97
C ASN C 267 -50.86 21.23 -22.39
N LEU C 268 -49.95 21.26 -23.35
CA LEU C 268 -50.27 21.01 -24.75
C LEU C 268 -50.97 19.67 -24.99
N PHE C 269 -50.93 18.76 -24.01
CA PHE C 269 -51.51 17.45 -24.19
C PHE C 269 -52.98 17.44 -23.76
N GLU C 270 -53.38 18.46 -23.00
CA GLU C 270 -54.73 18.57 -22.49
C GLU C 270 -55.66 19.20 -23.53
N GLY C 271 -56.75 18.52 -23.86
CA GLY C 271 -57.68 19.00 -24.87
C GLY C 271 -59.12 18.45 -24.85
N ASP C 272 -59.76 18.45 -26.01
CA ASP C 272 -61.18 18.10 -26.12
C ASP C 272 -61.52 16.90 -27.02
N GLY C 273 -60.50 16.25 -27.56
CA GLY C 273 -60.70 15.01 -28.30
C GLY C 273 -61.18 13.93 -27.35
N GLU C 274 -60.93 12.66 -27.68
CA GLU C 274 -61.24 11.57 -26.75
C GLU C 274 -60.35 11.60 -25.50
N LEU C 275 -60.93 11.18 -24.38
CA LEU C 275 -60.18 10.97 -23.13
C LEU C 275 -59.57 12.22 -22.50
N GLY C 276 -59.71 13.36 -23.17
CA GLY C 276 -59.22 14.61 -22.63
C GLY C 276 -57.93 15.04 -23.28
N LEU C 277 -57.53 14.31 -24.32
CA LEU C 277 -56.31 14.64 -25.04
C LEU C 277 -56.57 15.60 -26.19
N SER C 278 -55.57 16.43 -26.47
CA SER C 278 -55.64 17.34 -27.60
C SER C 278 -55.19 16.64 -28.87
N PRO C 279 -55.38 17.29 -30.01
CA PRO C 279 -54.88 16.68 -31.25
C PRO C 279 -53.36 16.59 -31.24
N THR C 280 -52.72 17.53 -30.56
CA THR C 280 -51.27 17.53 -30.48
C THR C 280 -50.73 16.26 -29.84
N ALA C 281 -51.33 15.90 -28.70
CA ALA C 281 -50.95 14.69 -27.98
C ALA C 281 -51.15 13.44 -28.85
N TYR C 282 -52.21 13.42 -29.64
CA TYR C 282 -52.53 12.23 -30.43
C TYR C 282 -51.58 12.07 -31.62
N ALA C 283 -50.91 13.16 -31.99
CA ALA C 283 -49.91 13.11 -33.03
C ALA C 283 -48.59 12.65 -32.40
N PHE C 284 -48.33 13.15 -31.21
CA PHE C 284 -47.21 12.67 -30.42
C PHE C 284 -47.35 11.16 -30.24
N LEU C 285 -48.53 10.74 -29.76
CA LEU C 285 -48.82 9.32 -29.58
C LEU C 285 -48.59 8.56 -30.88
N GLY C 286 -49.08 9.10 -32.00
CA GLY C 286 -48.85 8.50 -33.29
C GLY C 286 -47.37 8.35 -33.55
N GLY C 287 -46.59 9.35 -33.15
CA GLY C 287 -45.14 9.29 -33.30
C GLY C 287 -44.55 8.09 -32.59
N LEU C 288 -44.97 7.89 -31.34
CA LEU C 288 -44.52 6.74 -30.58
C LEU C 288 -44.84 5.46 -31.32
N ILE C 289 -46.12 5.20 -31.55
CA ILE C 289 -46.58 4.03 -32.28
C ILE C 289 -45.83 3.85 -33.60
N GLY C 290 -45.47 4.96 -34.22
CA GLY C 290 -44.81 4.94 -35.50
C GLY C 290 -43.40 4.42 -35.40
N HIS C 291 -42.73 4.77 -34.32
CA HIS C 291 -41.34 4.37 -34.15
C HIS C 291 -41.15 3.30 -33.08
N ALA C 292 -42.23 2.64 -32.69
CA ALA C 292 -42.17 1.70 -31.57
C ALA C 292 -41.03 0.70 -31.70
N LYS C 293 -40.84 0.14 -32.89
CA LYS C 293 -39.83 -0.91 -33.10
C LYS C 293 -38.41 -0.47 -32.84
N GLY C 294 -37.92 0.51 -33.60
CA GLY C 294 -36.61 1.07 -33.35
C GLY C 294 -36.49 1.71 -31.97
N LEU C 295 -37.59 2.24 -31.45
CA LEU C 295 -37.57 2.83 -30.13
C LEU C 295 -37.28 1.72 -29.12
N THR C 296 -37.71 0.51 -29.44
CA THR C 296 -37.51 -0.65 -28.56
C THR C 296 -36.04 -0.90 -28.17
N ALA C 297 -35.15 -0.94 -29.15
CA ALA C 297 -33.74 -1.16 -28.86
C ALA C 297 -33.20 -0.18 -27.83
N VAL C 298 -33.79 1.02 -27.74
CA VAL C 298 -33.21 2.01 -26.84
C VAL C 298 -33.72 1.90 -25.41
N VAL C 299 -34.99 1.57 -25.22
CA VAL C 299 -35.50 1.42 -23.87
C VAL C 299 -35.62 -0.03 -23.43
N ASN C 300 -35.19 -0.95 -24.29
CA ASN C 300 -34.95 -2.35 -23.91
C ASN C 300 -33.56 -2.74 -24.40
N PRO C 301 -32.51 -2.18 -23.76
CA PRO C 301 -31.16 -2.14 -24.33
C PRO C 301 -30.23 -3.31 -24.02
N THR C 302 -30.71 -4.40 -23.43
CA THR C 302 -29.83 -5.52 -23.08
C THR C 302 -30.41 -6.87 -23.50
N VAL C 303 -29.55 -7.81 -23.89
CA VAL C 303 -30.02 -9.19 -24.12
C VAL C 303 -31.05 -9.64 -23.07
N ASN C 304 -30.79 -9.32 -21.81
CA ASN C 304 -31.72 -9.68 -20.74
C ASN C 304 -33.09 -9.01 -20.86
N SER C 305 -33.14 -7.86 -21.53
CA SER C 305 -34.42 -7.12 -21.69
C SER C 305 -35.51 -7.95 -22.36
N TYR C 306 -35.10 -8.89 -23.21
CA TYR C 306 -36.02 -9.54 -24.13
C TYR C 306 -36.71 -10.77 -23.58
N LYS C 307 -36.45 -11.09 -22.33
CA LYS C 307 -37.23 -12.14 -21.69
C LYS C 307 -38.65 -11.63 -21.45
N ARG C 308 -38.76 -10.34 -21.11
CA ARG C 308 -40.04 -9.74 -20.77
C ARG C 308 -41.00 -9.61 -21.95
N LEU C 309 -40.45 -9.55 -23.18
CA LEU C 309 -41.29 -9.43 -24.38
C LEU C 309 -41.66 -10.79 -24.94
N ASN C 310 -41.23 -11.86 -24.29
CA ASN C 310 -41.59 -13.20 -24.71
C ASN C 310 -42.31 -14.02 -23.62
N ALA C 311 -43.04 -13.35 -22.74
CA ALA C 311 -43.80 -14.04 -21.70
C ALA C 311 -44.62 -15.22 -22.23
N SER C 321 -46.11 -12.95 -24.07
CA SER C 321 -47.43 -12.78 -24.66
C SER C 321 -47.64 -11.40 -25.34
N PRO C 322 -47.59 -10.30 -24.56
CA PRO C 322 -47.91 -8.95 -25.06
C PRO C 322 -46.71 -8.21 -25.64
N ASN C 323 -46.46 -8.42 -26.93
CA ASN C 323 -45.38 -7.74 -27.65
C ASN C 323 -45.92 -6.93 -28.83
N THR C 324 -47.17 -6.49 -28.71
CA THR C 324 -47.87 -5.84 -29.80
C THR C 324 -47.98 -4.34 -29.58
N ILE C 325 -47.96 -3.61 -30.71
CA ILE C 325 -47.97 -2.16 -30.71
C ILE C 325 -49.38 -1.59 -30.75
N THR C 326 -49.85 -1.16 -29.57
CA THR C 326 -51.21 -0.68 -29.39
C THR C 326 -51.26 0.29 -28.22
N TYR C 327 -52.13 1.29 -28.29
CA TYR C 327 -52.57 2.02 -27.10
C TYR C 327 -54.01 1.54 -26.98
N GLY C 328 -54.76 1.87 -25.93
CA GLY C 328 -54.36 2.78 -24.87
C GLY C 328 -55.56 2.92 -23.94
N GLY C 329 -55.79 4.12 -23.43
CA GLY C 329 -56.87 4.34 -22.48
C GLY C 329 -56.41 3.89 -21.11
N ASN C 330 -57.27 4.04 -20.10
CA ASN C 330 -56.90 3.60 -18.75
C ASN C 330 -56.83 2.08 -18.64
N ASN C 331 -55.74 1.52 -19.14
CA ASN C 331 -55.65 0.09 -19.37
C ASN C 331 -54.19 -0.31 -19.36
N ARG C 332 -53.83 -1.22 -18.45
CA ARG C 332 -52.44 -1.67 -18.32
C ARG C 332 -52.15 -2.90 -19.15
N THR C 333 -52.52 -2.87 -20.43
CA THR C 333 -52.28 -4.01 -21.31
C THR C 333 -51.74 -3.57 -22.66
N HIS C 334 -51.61 -2.28 -22.86
CA HIS C 334 -51.10 -1.79 -24.12
C HIS C 334 -49.74 -1.16 -23.96
N MET C 335 -49.04 -1.05 -25.08
CA MET C 335 -47.73 -0.42 -25.11
C MET C 335 -47.84 0.99 -24.59
N VAL C 336 -49.02 1.59 -24.74
CA VAL C 336 -49.26 2.94 -24.21
C VAL C 336 -50.55 3.02 -23.45
N ARG C 337 -50.56 3.80 -22.39
CA ARG C 337 -51.74 3.97 -21.56
C ARG C 337 -52.09 5.44 -21.47
N ILE C 338 -53.39 5.74 -21.47
CA ILE C 338 -53.85 7.08 -21.13
C ILE C 338 -54.55 7.03 -19.77
N PRO C 339 -53.88 7.58 -18.74
CA PRO C 339 -54.36 7.51 -17.35
C PRO C 339 -55.34 8.62 -17.06
N ASP C 340 -55.14 9.75 -17.72
CA ASP C 340 -55.86 10.98 -17.43
C ASP C 340 -55.69 12.05 -18.51
N ALA C 341 -56.51 13.07 -18.48
CA ALA C 341 -56.38 14.14 -19.44
C ALA C 341 -54.98 14.74 -19.34
N GLY C 342 -54.32 14.88 -20.49
CA GLY C 342 -53.04 15.58 -20.59
C GLY C 342 -51.79 14.76 -20.30
N ARG C 343 -51.92 13.44 -20.34
CA ARG C 343 -50.83 12.55 -19.95
C ARG C 343 -50.83 11.28 -20.78
N LEU C 344 -49.64 10.84 -21.19
CA LEU C 344 -49.48 9.52 -21.76
C LEU C 344 -48.52 8.75 -20.86
N GLU C 345 -48.84 7.50 -20.55
CA GLU C 345 -47.90 6.62 -19.88
C GLU C 345 -47.33 5.65 -20.91
N LEU C 346 -46.01 5.57 -20.97
CA LEU C 346 -45.37 4.69 -21.95
C LEU C 346 -44.87 3.45 -21.26
N ARG C 347 -45.65 2.39 -21.33
CA ARG C 347 -45.33 1.15 -20.66
C ARG C 347 -44.29 0.29 -21.38
N LEU C 348 -43.33 0.91 -22.06
CA LEU C 348 -42.34 0.13 -22.83
C LEU C 348 -40.92 -0.06 -22.21
N PRO C 349 -40.39 0.96 -21.52
CA PRO C 349 -39.00 0.86 -21.04
C PRO C 349 -38.76 0.05 -19.76
N ASP C 350 -37.72 -0.77 -19.76
CA ASP C 350 -37.34 -1.53 -18.58
C ASP C 350 -36.23 -0.86 -17.75
N GLY C 351 -35.91 -1.50 -16.61
CA GLY C 351 -34.94 -0.96 -15.67
C GLY C 351 -33.56 -0.65 -16.20
N ALA C 352 -33.17 -1.28 -17.31
CA ALA C 352 -31.84 -1.05 -17.90
C ALA C 352 -31.81 0.21 -18.78
N ALA C 353 -32.94 0.90 -18.85
CA ALA C 353 -33.07 2.06 -19.73
C ALA C 353 -32.09 3.16 -19.37
N ASN C 354 -31.47 3.74 -20.39
CA ASN C 354 -30.61 4.88 -20.10
C ASN C 354 -31.43 6.10 -19.76
N PRO C 355 -31.21 6.66 -18.56
CA PRO C 355 -31.92 7.79 -17.98
C PRO C 355 -31.93 9.04 -18.86
N TYR C 356 -30.90 9.19 -19.70
CA TYR C 356 -30.85 10.30 -20.64
C TYR C 356 -31.25 9.86 -22.06
N LEU C 357 -30.74 8.71 -22.51
CA LEU C 357 -31.09 8.17 -23.82
C LEU C 357 -32.59 7.84 -23.97
N MET C 358 -33.26 7.54 -22.86
CA MET C 358 -34.68 7.18 -22.89
C MET C 358 -35.60 8.38 -23.15
N PRO C 359 -35.49 9.45 -22.34
CA PRO C 359 -36.26 10.64 -22.70
C PRO C 359 -35.85 11.11 -24.10
N ALA C 360 -34.56 11.33 -24.33
CA ALA C 360 -34.04 11.74 -25.63
C ALA C 360 -34.74 11.07 -26.83
N ALA C 361 -34.90 9.76 -26.77
CA ALA C 361 -35.44 9.00 -27.91
C ALA C 361 -36.97 9.03 -28.05
N ILE C 362 -37.68 8.99 -26.92
CA ILE C 362 -39.12 9.22 -26.91
C ILE C 362 -39.45 10.62 -27.46
N LEU C 363 -38.70 11.63 -27.01
CA LEU C 363 -38.87 12.99 -27.51
C LEU C 363 -38.72 13.05 -29.04
N ALA C 364 -37.62 12.50 -29.55
CA ALA C 364 -37.42 12.42 -30.98
C ALA C 364 -38.65 11.86 -31.70
N ALA C 365 -39.14 10.69 -31.28
CA ALA C 365 -40.26 10.06 -31.98
C ALA C 365 -41.56 10.85 -31.83
N GLY C 366 -41.66 11.60 -30.74
CA GLY C 366 -42.85 12.39 -30.45
C GLY C 366 -42.91 13.66 -31.27
N LEU C 367 -41.78 14.36 -31.38
CA LEU C 367 -41.67 15.57 -32.19
C LEU C 367 -41.96 15.26 -33.65
N ASP C 368 -41.63 14.03 -34.06
CA ASP C 368 -41.93 13.59 -35.39
C ASP C 368 -43.43 13.43 -35.58
N GLY C 369 -44.05 12.72 -34.64
CA GLY C 369 -45.50 12.59 -34.66
C GLY C 369 -46.11 13.96 -34.90
N ILE C 370 -45.74 14.91 -34.07
CA ILE C 370 -46.27 16.25 -34.16
C ILE C 370 -45.98 16.93 -35.50
N GLU C 371 -44.77 16.75 -36.03
CA GLU C 371 -44.37 17.48 -37.23
C GLU C 371 -44.90 16.84 -38.52
N THR C 372 -45.37 15.60 -38.44
CA THR C 372 -45.90 14.90 -39.60
C THR C 372 -47.38 14.59 -39.40
N GLN C 373 -47.98 15.22 -38.38
CA GLN C 373 -49.35 14.96 -38.00
C GLN C 373 -49.68 13.48 -38.21
N ALA C 374 -49.05 12.62 -37.41
CA ALA C 374 -49.12 11.17 -37.59
C ALA C 374 -50.33 10.58 -36.89
N ASP C 375 -50.78 9.43 -37.39
CA ASP C 375 -52.05 8.85 -36.97
C ASP C 375 -51.84 7.61 -36.11
N PRO C 376 -52.22 7.68 -34.83
CA PRO C 376 -52.05 6.56 -33.90
C PRO C 376 -52.93 5.36 -34.25
N GLY C 377 -54.09 5.60 -34.87
CA GLY C 377 -55.04 4.53 -35.19
C GLY C 377 -56.13 4.44 -34.13
N GLN C 378 -57.01 3.44 -34.24
CA GLN C 378 -58.13 3.30 -33.29
C GLN C 378 -57.62 2.92 -31.88
N ARG C 379 -58.41 3.17 -30.84
CA ARG C 379 -57.92 2.97 -29.47
C ARG C 379 -57.81 1.52 -28.94
N LEU C 380 -58.91 0.75 -28.98
CA LEU C 380 -58.90 -0.60 -28.37
C LEU C 380 -59.01 -0.54 -26.85
N ASP C 381 -60.20 -0.87 -26.32
CA ASP C 381 -60.42 -0.91 -24.88
C ASP C 381 -60.34 -2.35 -24.34
N ILE C 382 -59.57 -3.18 -25.04
CA ILE C 382 -59.48 -4.61 -24.77
C ILE C 382 -58.50 -4.93 -23.62
N ASP C 383 -58.64 -6.12 -23.03
CA ASP C 383 -57.59 -6.67 -22.20
C ASP C 383 -56.73 -7.58 -23.06
N MET C 384 -55.56 -7.09 -23.47
CA MET C 384 -54.73 -7.81 -24.42
C MET C 384 -54.26 -9.17 -23.90
N TYR C 385 -54.26 -9.37 -22.59
CA TYR C 385 -53.86 -10.67 -22.03
C TYR C 385 -54.88 -11.76 -22.37
N VAL C 386 -56.12 -11.37 -22.61
CA VAL C 386 -57.19 -12.31 -22.92
C VAL C 386 -57.65 -12.22 -24.38
N GLU C 387 -57.75 -10.99 -24.90
CA GLU C 387 -58.31 -10.73 -26.21
C GLU C 387 -57.35 -9.98 -27.12
N GLY C 388 -56.07 -10.33 -27.07
CA GLY C 388 -55.06 -9.66 -27.88
C GLY C 388 -54.59 -10.51 -29.04
N HIS C 389 -54.98 -11.79 -29.03
CA HIS C 389 -54.64 -12.75 -30.08
C HIS C 389 -55.58 -12.58 -31.29
N SER C 390 -56.74 -12.00 -31.04
CA SER C 390 -57.74 -11.81 -32.08
C SER C 390 -57.56 -10.49 -32.82
N VAL C 391 -56.71 -9.62 -32.27
CA VAL C 391 -56.40 -8.33 -32.90
C VAL C 391 -55.19 -8.45 -33.85
N GLU C 392 -55.33 -7.94 -35.07
CA GLU C 392 -54.20 -7.86 -35.98
C GLU C 392 -53.37 -6.65 -35.58
N ALA C 393 -52.13 -6.90 -35.17
CA ALA C 393 -51.30 -5.86 -34.57
C ALA C 393 -49.84 -5.90 -35.03
N GLU C 394 -49.23 -4.73 -35.16
CA GLU C 394 -47.83 -4.64 -35.53
C GLU C 394 -46.94 -5.02 -34.33
N GLN C 395 -46.02 -5.94 -34.57
CA GLN C 395 -45.28 -6.57 -33.47
C GLN C 395 -43.88 -6.00 -33.21
N LEU C 396 -43.52 -5.81 -31.94
CA LEU C 396 -42.19 -5.32 -31.58
C LEU C 396 -41.13 -6.36 -31.86
N PRO C 397 -39.87 -5.96 -31.91
CA PRO C 397 -38.75 -6.90 -32.03
C PRO C 397 -38.57 -7.79 -30.78
N LEU C 398 -38.29 -9.07 -30.97
CA LEU C 398 -38.28 -10.04 -29.87
C LEU C 398 -36.88 -10.44 -29.34
N ASN C 399 -35.84 -9.85 -29.90
CA ASN C 399 -34.47 -10.03 -29.39
C ASN C 399 -33.58 -8.84 -29.74
N LEU C 400 -32.51 -8.62 -28.95
CA LEU C 400 -31.63 -7.47 -29.14
C LEU C 400 -31.25 -7.18 -30.59
N LEU C 401 -30.86 -8.23 -31.31
CA LEU C 401 -30.33 -8.05 -32.66
C LEU C 401 -31.41 -7.49 -33.60
N ASP C 402 -32.56 -8.16 -33.68
CA ASP C 402 -33.68 -7.63 -34.44
C ASP C 402 -34.03 -6.21 -34.00
N ALA C 403 -33.86 -5.93 -32.71
CA ALA C 403 -34.15 -4.62 -32.16
C ALA C 403 -33.16 -3.59 -32.70
N VAL C 404 -31.88 -3.93 -32.60
CA VAL C 404 -30.86 -3.08 -33.18
C VAL C 404 -31.14 -2.85 -34.67
N ARG C 405 -31.37 -3.93 -35.41
CA ARG C 405 -31.77 -3.79 -36.81
C ARG C 405 -32.89 -2.77 -36.96
N ALA C 406 -33.92 -2.87 -36.12
CA ALA C 406 -35.04 -1.91 -36.18
C ALA C 406 -34.61 -0.44 -35.99
N LEU C 407 -33.73 -0.19 -35.03
CA LEU C 407 -33.23 1.16 -34.76
C LEU C 407 -32.37 1.67 -35.92
N GLU C 408 -31.61 0.77 -36.52
CA GLU C 408 -30.73 1.12 -37.63
C GLU C 408 -31.49 1.58 -38.88
N ALA C 409 -32.66 0.99 -39.11
CA ALA C 409 -33.51 1.35 -40.26
C ALA C 409 -34.34 2.62 -40.06
N ASP C 410 -34.78 2.87 -38.82
CA ASP C 410 -35.59 4.04 -38.49
C ASP C 410 -34.73 5.30 -38.45
N GLU C 411 -34.48 5.88 -39.62
CA GLU C 411 -33.55 6.99 -39.72
C GLU C 411 -34.03 8.27 -39.06
N VAL C 412 -35.35 8.47 -39.01
CA VAL C 412 -35.91 9.60 -38.27
C VAL C 412 -35.42 9.58 -36.83
N LEU C 413 -35.63 8.46 -36.16
CA LEU C 413 -35.13 8.24 -34.81
C LEU C 413 -33.60 8.41 -34.75
N ALA C 414 -32.88 7.63 -35.54
CA ALA C 414 -31.41 7.69 -35.56
C ALA C 414 -30.87 9.13 -35.68
N GLY C 415 -31.61 9.99 -36.38
CA GLY C 415 -31.22 11.38 -36.53
C GLY C 415 -31.49 12.25 -35.31
N GLY C 416 -32.57 11.95 -34.58
CA GLY C 416 -32.96 12.71 -33.41
C GLY C 416 -32.00 12.53 -32.24
N LEU C 417 -31.26 11.44 -32.23
CA LEU C 417 -30.28 11.23 -31.16
C LEU C 417 -28.91 11.67 -31.63
N GLY C 418 -28.72 11.72 -32.94
CA GLY C 418 -27.44 12.10 -33.49
C GLY C 418 -26.40 10.99 -33.47
N ALA C 419 -25.15 11.37 -33.23
CA ALA C 419 -24.02 10.45 -33.30
C ALA C 419 -24.12 9.30 -32.30
N ALA C 420 -24.82 9.55 -31.20
CA ALA C 420 -25.13 8.51 -30.23
C ALA C 420 -25.69 7.23 -30.85
N ALA C 421 -26.73 7.36 -31.67
CA ALA C 421 -27.45 6.21 -32.21
C ALA C 421 -26.57 5.09 -32.76
N ALA C 422 -25.51 5.44 -33.48
CA ALA C 422 -24.65 4.45 -34.10
C ALA C 422 -23.75 3.82 -33.05
N ALA C 423 -23.21 4.67 -32.18
CA ALA C 423 -22.40 4.21 -31.07
C ALA C 423 -23.13 3.11 -30.26
N PHE C 424 -24.31 3.46 -29.76
CA PHE C 424 -25.21 2.53 -29.10
C PHE C 424 -25.32 1.21 -29.88
N ALA C 425 -25.72 1.35 -31.15
CA ALA C 425 -25.95 0.18 -31.98
C ALA C 425 -24.71 -0.70 -32.08
N LYS C 426 -23.55 -0.04 -32.12
CA LYS C 426 -22.27 -0.75 -32.26
C LYS C 426 -21.96 -1.59 -31.03
N PHE C 427 -22.12 -0.98 -29.85
CA PHE C 427 -21.91 -1.63 -28.56
C PHE C 427 -22.86 -2.80 -28.38
N LYS C 428 -24.13 -2.57 -28.69
CA LYS C 428 -25.13 -3.61 -28.47
C LYS C 428 -25.00 -4.76 -29.46
N ARG C 429 -24.45 -4.50 -30.64
CA ARG C 429 -24.18 -5.59 -31.56
C ARG C 429 -23.02 -6.43 -31.01
N ALA C 430 -22.10 -5.79 -30.27
CA ALA C 430 -20.98 -6.49 -29.64
C ALA C 430 -21.45 -7.38 -28.49
N GLU C 431 -22.30 -6.81 -27.65
CA GLU C 431 -22.93 -7.53 -26.55
C GLU C 431 -23.69 -8.74 -27.06
N TRP C 432 -24.47 -8.57 -28.11
CA TRP C 432 -25.14 -9.72 -28.71
C TRP C 432 -24.14 -10.86 -28.97
N ALA C 433 -23.07 -10.56 -29.72
CA ALA C 433 -22.07 -11.58 -30.07
C ALA C 433 -21.52 -12.22 -28.82
N ASP C 434 -21.21 -11.39 -27.83
CA ASP C 434 -20.74 -11.88 -26.53
C ASP C 434 -21.67 -12.94 -25.95
N TYR C 435 -22.92 -12.56 -25.74
CA TYR C 435 -23.92 -13.48 -25.22
C TYR C 435 -24.05 -14.74 -26.09
N LYS C 436 -23.92 -14.61 -27.40
CA LYS C 436 -24.15 -15.78 -28.22
C LYS C 436 -22.96 -16.74 -28.17
N SER C 437 -21.80 -16.22 -27.76
CA SER C 437 -20.58 -17.03 -27.71
C SER C 437 -20.48 -17.88 -26.45
N GLN C 438 -21.25 -17.54 -25.43
CA GLN C 438 -21.33 -18.31 -24.17
C GLN C 438 -21.88 -19.73 -24.38
N LEU C 439 -21.22 -20.71 -23.77
CA LEU C 439 -21.69 -22.10 -23.82
C LEU C 439 -22.61 -22.33 -22.62
N THR C 440 -23.90 -22.49 -22.88
CA THR C 440 -24.87 -22.65 -21.80
C THR C 440 -25.05 -24.12 -21.39
N GLU C 441 -25.61 -24.38 -20.20
CA GLU C 441 -25.93 -25.76 -19.84
C GLU C 441 -27.08 -26.25 -20.72
N TRP C 442 -27.94 -25.31 -21.14
CA TRP C 442 -29.05 -25.64 -22.02
C TRP C 442 -28.53 -26.27 -23.30
N GLU C 443 -27.45 -25.72 -23.84
CA GLU C 443 -26.88 -26.26 -25.08
C GLU C 443 -26.44 -27.70 -24.89
N ARG C 444 -25.67 -27.90 -23.82
CA ARG C 444 -25.08 -29.19 -23.52
C ARG C 444 -26.11 -30.22 -23.10
N ARG C 445 -27.13 -29.83 -22.35
CA ARG C 445 -28.21 -30.78 -22.04
C ARG C 445 -28.98 -31.20 -23.31
N THR C 446 -29.33 -30.23 -24.14
CA THR C 446 -30.13 -30.51 -25.33
C THR C 446 -29.35 -31.10 -26.51
N THR C 447 -28.02 -30.98 -26.52
CA THR C 447 -27.25 -31.37 -27.72
C THR C 447 -26.16 -32.45 -27.54
N LEU C 448 -25.74 -32.71 -26.32
CA LEU C 448 -24.71 -33.71 -26.09
C LEU C 448 -25.09 -35.04 -26.74
N ASP C 449 -26.39 -35.24 -27.02
CA ASP C 449 -26.89 -36.54 -27.51
C ASP C 449 -27.39 -36.61 -28.96
N CYS C 450 -26.86 -35.75 -29.81
CA CYS C 450 -27.23 -35.75 -31.24
C CYS C 450 -26.32 -36.69 -32.05
#